data_1TAS
#
_entry.id   1TAS
#
_cell.length_a   57.400
_cell.length_b   52.400
_cell.length_c   136.900
_cell.angle_alpha   90.00
_cell.angle_beta   101.50
_cell.angle_gamma   90.00
#
_symmetry.space_group_name_H-M   'P 1 21 1'
#
loop_
_entity.id
_entity.type
_entity.pdbx_description
1 polymer 'ASPARTATE AMINOTRANSFERASE'
2 non-polymer '2-[(3-HYDROXY-2-METHYL-5-PHOSPHONOOXYMETHYL-PYRIDIN-4-YLMETHYL)-AMINO]-2-METHYL-SUCCINIC ACID'
#
_entity_poly.entity_id   1
_entity_poly.type   'polypeptide(L)'
_entity_poly.pdbx_seq_one_letter_code
;SSWWSHVEMGPPDPILGVTEAFKRDTNSKKMNLGVGAYRDDNGKPYVLNCVRKAEAMIAAKKMDKEYLPIAGLADFTRAS
AELALGENSEAFKSGRYVTVQGISGTGSLRVGANFLQRFFKFSRDVYLPKPSWGNHTPIFRDAGLQLQAYRYYDPKTCSL
DFTGAMEDISKIPEKSIILLHACAHNPTGVDPRQEQWKELASVVKKRNLLAYFDMAYQGFASGDINRDAWALRHFIEQGI
DVVLSQSYAKNMGLYGERAGAFTVICRDAEEAKRVESQLKILIRPMYSNPPMNGARIASLILNTPELRKEWLVEVKGMAD
RIISMRTQLVSNLKKEGSSHNWQHITDQIGMFCFTGLKPEQVERLTKEFSIYMTKDGRISVAGVASSNVGYLAHAIHQVT
K
;
_entity_poly.pdbx_strand_id   A,B
#
loop_
_chem_comp.id
_chem_comp.type
_chem_comp.name
_chem_comp.formula
PLA non-polymer '2-[(3-HYDROXY-2-METHYL-5-PHOSPHONOOXYMETHYL-PYRIDIN-4-YLMETHYL)-AMINO]-2-METHYL-SUCCINIC ACID' 'C13 H19 N2 O9 P'
#
# COMPACT_ATOMS: atom_id res chain seq x y z
N SER A 1 -13.99 -30.76 8.82
CA SER A 1 -13.19 -30.06 7.83
C SER A 1 -13.83 -28.76 7.32
N SER A 2 -13.08 -27.67 7.47
CA SER A 2 -13.52 -26.38 7.04
C SER A 2 -12.76 -25.97 5.82
N TRP A 3 -12.79 -24.65 5.58
CA TRP A 3 -12.16 -23.98 4.49
C TRP A 3 -10.68 -23.89 4.62
N TRP A 4 -10.22 -23.64 5.83
CA TRP A 4 -8.80 -23.45 6.07
C TRP A 4 -8.04 -24.50 6.87
N SER A 5 -8.60 -25.67 6.94
CA SER A 5 -7.94 -26.70 7.69
C SER A 5 -6.56 -27.02 7.17
N HIS A 6 -6.39 -27.00 5.86
CA HIS A 6 -5.09 -27.29 5.21
C HIS A 6 -4.05 -26.16 5.34
N VAL A 7 -4.45 -24.99 5.80
CA VAL A 7 -3.53 -23.90 5.90
C VAL A 7 -2.55 -24.15 7.02
N GLU A 8 -1.27 -24.40 6.61
CA GLU A 8 -0.18 -24.70 7.56
C GLU A 8 0.35 -23.50 8.25
N MET A 9 1.17 -23.75 9.22
CA MET A 9 1.71 -22.63 9.92
C MET A 9 2.96 -22.25 9.14
N GLY A 10 3.09 -20.96 8.84
CA GLY A 10 4.20 -20.41 8.07
C GLY A 10 5.25 -19.86 8.96
N PRO A 11 6.50 -19.84 8.51
CA PRO A 11 7.56 -19.33 9.34
C PRO A 11 7.52 -17.86 9.39
N PRO A 12 8.17 -17.36 10.41
CA PRO A 12 8.26 -15.97 10.63
C PRO A 12 9.31 -15.52 9.65
N ASP A 13 9.28 -14.23 9.38
CA ASP A 13 10.15 -13.60 8.46
C ASP A 13 11.55 -13.52 8.98
N PRO A 14 12.44 -13.82 8.05
CA PRO A 14 13.83 -13.88 8.33
C PRO A 14 14.39 -12.57 8.80
N ILE A 15 13.71 -11.45 8.51
CA ILE A 15 14.19 -10.18 8.97
C ILE A 15 13.18 -9.64 9.92
N LEU A 16 12.05 -9.30 9.37
CA LEU A 16 11.03 -8.73 10.22
C LEU A 16 10.60 -9.58 11.49
N GLY A 17 10.65 -10.90 11.38
CA GLY A 17 10.27 -11.79 12.44
C GLY A 17 11.20 -11.63 13.65
N VAL A 18 12.41 -11.16 13.38
CA VAL A 18 13.31 -10.97 14.47
C VAL A 18 12.71 -9.94 15.39
N THR A 19 12.25 -8.84 14.81
CA THR A 19 11.66 -7.84 15.65
C THR A 19 10.54 -8.41 16.55
N GLU A 20 9.91 -9.45 16.06
CA GLU A 20 8.88 -10.02 16.84
C GLU A 20 9.45 -10.62 18.08
N ALA A 21 10.43 -11.49 17.86
CA ALA A 21 11.15 -12.18 18.93
C ALA A 21 11.83 -11.25 19.90
N PHE A 22 12.14 -10.10 19.46
CA PHE A 22 12.80 -9.32 20.42
C PHE A 22 11.78 -8.83 21.40
N LYS A 23 10.68 -8.31 20.84
CA LYS A 23 9.57 -7.78 21.57
C LYS A 23 9.20 -8.60 22.80
N ARG A 24 9.39 -9.92 22.70
CA ARG A 24 9.11 -10.90 23.76
C ARG A 24 10.31 -11.28 24.63
N ASP A 25 11.27 -10.42 24.78
CA ASP A 25 12.37 -10.82 25.59
C ASP A 25 12.34 -9.81 26.64
N THR A 26 12.51 -10.26 27.88
CA THR A 26 12.40 -9.36 29.03
C THR A 26 13.70 -8.86 29.61
N ASN A 27 14.78 -9.37 29.06
CA ASN A 27 16.07 -8.99 29.49
C ASN A 27 16.18 -7.48 29.25
N SER A 28 16.60 -6.74 30.29
CA SER A 28 16.72 -5.27 30.32
C SER A 28 17.88 -4.73 29.52
N LYS A 29 18.52 -5.70 28.92
CA LYS A 29 19.69 -5.55 28.15
C LYS A 29 19.55 -5.98 26.77
N LYS A 30 18.33 -6.15 26.32
CA LYS A 30 18.17 -6.62 24.97
C LYS A 30 18.54 -5.55 23.90
N MET A 31 19.00 -6.02 22.74
CA MET A 31 19.41 -5.21 21.58
C MET A 31 18.85 -5.77 20.30
N ASN A 32 18.08 -4.96 19.65
CA ASN A 32 17.52 -5.39 18.39
C ASN A 32 18.38 -4.76 17.28
N LEU A 33 19.15 -5.61 16.64
CA LEU A 33 20.02 -5.24 15.57
C LEU A 33 19.70 -6.12 14.37
N GLY A 34 18.41 -6.40 14.19
CA GLY A 34 17.96 -7.23 13.09
C GLY A 34 17.59 -6.40 11.85
N VAL A 35 16.57 -5.59 11.96
CA VAL A 35 16.20 -4.79 10.83
C VAL A 35 16.92 -3.49 10.92
N GLY A 36 17.20 -2.96 9.73
CA GLY A 36 17.88 -1.70 9.46
C GLY A 36 17.07 -0.46 9.79
N ALA A 37 17.13 -0.10 11.04
CA ALA A 37 16.44 1.06 11.51
C ALA A 37 17.37 1.80 12.44
N TYR A 38 17.37 3.04 12.18
CA TYR A 38 18.20 3.89 12.85
C TYR A 38 17.68 4.34 14.14
N ARG A 39 18.62 4.33 15.08
CA ARG A 39 18.46 4.79 16.42
C ARG A 39 19.40 5.93 16.70
N ASP A 40 19.02 6.79 17.62
CA ASP A 40 19.90 7.86 17.95
C ASP A 40 21.03 7.29 18.79
N ASP A 41 21.75 8.16 19.52
CA ASP A 41 22.85 7.70 20.38
C ASP A 41 22.38 7.12 21.65
N ASN A 42 21.21 7.54 22.09
CA ASN A 42 20.64 7.00 23.30
C ASN A 42 19.96 5.71 23.01
N GLY A 43 20.12 5.24 21.81
CA GLY A 43 19.53 4.00 21.42
C GLY A 43 18.01 4.08 21.25
N LYS A 44 17.54 5.30 20.83
CA LYS A 44 16.14 5.63 20.59
C LYS A 44 15.82 6.09 19.14
N PRO A 45 14.58 5.94 18.71
CA PRO A 45 14.15 6.33 17.41
C PRO A 45 14.38 7.80 17.23
N TYR A 46 14.62 8.13 15.98
CA TYR A 46 14.89 9.45 15.58
C TYR A 46 13.94 9.97 14.47
N VAL A 47 13.20 11.01 14.81
CA VAL A 47 12.32 11.59 13.87
C VAL A 47 13.08 12.79 13.36
N LEU A 48 13.44 12.81 12.07
CA LEU A 48 14.20 13.91 11.55
C LEU A 48 13.53 15.25 11.88
N ASN A 49 14.37 16.15 12.24
CA ASN A 49 13.94 17.47 12.56
C ASN A 49 13.15 18.09 11.43
N CYS A 50 13.71 17.91 10.25
CA CYS A 50 13.11 18.42 9.06
C CYS A 50 11.71 17.85 8.93
N VAL A 51 11.57 16.57 9.28
CA VAL A 51 10.26 15.92 9.21
C VAL A 51 9.29 16.45 10.24
N ARG A 52 9.80 16.85 11.40
CA ARG A 52 8.83 17.34 12.35
C ARG A 52 8.30 18.65 11.86
N LYS A 53 9.15 19.38 11.15
CA LYS A 53 8.77 20.69 10.62
C LYS A 53 7.79 20.62 9.50
N ALA A 54 8.00 19.68 8.58
CA ALA A 54 7.10 19.52 7.45
C ALA A 54 5.75 19.17 7.99
N GLU A 55 5.80 18.35 9.06
CA GLU A 55 4.57 17.89 9.71
C GLU A 55 3.68 19.01 10.10
N ALA A 56 4.28 19.81 10.92
CA ALA A 56 3.68 20.98 11.40
C ALA A 56 3.29 21.94 10.29
N MET A 57 3.55 21.62 9.07
CA MET A 57 3.15 22.61 8.08
C MET A 57 1.90 22.09 7.43
N ILE A 58 1.88 20.78 7.31
CA ILE A 58 0.78 20.15 6.71
C ILE A 58 -0.42 20.45 7.55
N ALA A 59 -0.09 20.45 8.81
CA ALA A 59 -1.04 20.71 9.89
C ALA A 59 -1.63 22.10 9.79
N ALA A 60 -0.77 23.09 9.97
CA ALA A 60 -1.20 24.45 9.94
C ALA A 60 -1.78 24.88 8.59
N LYS A 61 -1.64 24.01 7.54
CA LYS A 61 -2.13 24.31 6.17
C LYS A 61 -3.56 23.88 6.05
N LYS A 62 -3.96 23.06 7.03
CA LYS A 62 -5.30 22.51 7.17
C LYS A 62 -5.72 21.78 5.89
N MET A 63 -4.92 20.75 5.48
CA MET A 63 -5.25 20.04 4.27
C MET A 63 -6.20 18.90 4.42
N ASP A 64 -6.79 18.64 3.27
CA ASP A 64 -7.77 17.62 3.09
C ASP A 64 -7.09 16.29 3.12
N LYS A 65 -7.92 15.26 2.95
CA LYS A 65 -7.47 13.90 2.91
C LYS A 65 -8.05 13.19 1.72
N GLU A 66 -8.46 13.96 0.73
CA GLU A 66 -9.03 13.40 -0.51
C GLU A 66 -8.02 12.55 -1.28
N TYR A 67 -8.54 11.53 -1.94
CA TYR A 67 -7.81 10.59 -2.79
C TYR A 67 -6.70 11.35 -3.60
N LEU A 68 -5.59 10.72 -3.82
CA LEU A 68 -4.50 11.30 -4.58
C LEU A 68 -4.62 10.55 -5.88
N PRO A 69 -4.12 11.07 -6.94
CA PRO A 69 -4.17 10.42 -8.21
C PRO A 69 -3.66 8.97 -8.14
N ILE A 70 -3.94 8.13 -9.12
CA ILE A 70 -3.44 6.75 -8.96
C ILE A 70 -1.94 6.71 -8.92
N ALA A 71 -1.32 7.71 -9.53
CA ALA A 71 0.10 7.72 -9.53
C ALA A 71 0.79 8.50 -8.43
N GLY A 72 -0.01 9.14 -7.57
CA GLY A 72 0.56 9.82 -6.46
C GLY A 72 0.49 11.30 -6.55
N LEU A 73 1.18 11.88 -5.64
CA LEU A 73 1.30 13.28 -5.49
C LEU A 73 2.38 13.69 -6.45
N ALA A 74 1.91 14.41 -7.45
CA ALA A 74 2.75 14.89 -8.51
C ALA A 74 4.05 15.50 -8.04
N ASP A 75 3.96 16.46 -7.11
CA ASP A 75 5.13 17.13 -6.53
C ASP A 75 6.13 16.18 -5.81
N PHE A 76 5.65 15.05 -5.35
CA PHE A 76 6.53 14.16 -4.68
C PHE A 76 7.25 13.30 -5.68
N THR A 77 6.47 13.01 -6.69
CA THR A 77 6.87 12.16 -7.76
C THR A 77 7.93 12.80 -8.61
N ARG A 78 7.81 14.09 -8.78
CA ARG A 78 8.74 14.88 -9.56
C ARG A 78 10.09 14.98 -8.88
N ALA A 79 10.04 15.33 -7.58
CA ALA A 79 11.19 15.50 -6.70
C ALA A 79 11.97 14.22 -6.56
N SER A 80 11.24 13.08 -6.55
CA SER A 80 11.91 11.80 -6.41
C SER A 80 12.82 11.51 -7.53
N ALA A 81 12.27 11.76 -8.70
CA ALA A 81 12.94 11.61 -9.96
C ALA A 81 14.10 12.54 -10.04
N GLU A 82 13.85 13.77 -9.64
CA GLU A 82 14.97 14.67 -9.68
C GLU A 82 16.06 14.25 -8.71
N LEU A 83 15.68 13.85 -7.49
CA LEU A 83 16.66 13.39 -6.52
C LEU A 83 17.49 12.31 -7.09
N ALA A 84 16.84 11.30 -7.65
CA ALA A 84 17.61 10.21 -8.18
C ALA A 84 18.52 10.45 -9.42
N LEU A 85 17.97 11.15 -10.42
CA LEU A 85 18.60 11.44 -11.68
C LEU A 85 19.53 12.64 -11.72
N GLY A 86 19.25 13.63 -10.90
CA GLY A 86 20.05 14.84 -10.91
C GLY A 86 19.30 15.80 -11.81
N GLU A 87 19.35 17.11 -11.44
CA GLU A 87 18.68 18.24 -12.07
C GLU A 87 19.09 18.76 -13.45
N ASN A 88 20.23 18.25 -13.95
CA ASN A 88 20.95 18.58 -15.17
C ASN A 88 20.85 17.45 -16.19
N SER A 89 20.36 16.35 -15.64
CA SER A 89 20.13 15.09 -16.32
C SER A 89 19.33 15.29 -17.55
N GLU A 90 19.82 14.73 -18.65
CA GLU A 90 19.03 14.86 -19.83
C GLU A 90 17.67 14.19 -19.62
N ALA A 91 17.74 12.89 -19.33
CA ALA A 91 16.59 12.03 -19.04
C ALA A 91 15.60 12.79 -18.22
N PHE A 92 16.11 13.66 -17.37
CA PHE A 92 15.22 14.43 -16.58
C PHE A 92 14.82 15.74 -17.17
N LYS A 93 15.69 16.37 -17.89
CA LYS A 93 15.27 17.64 -18.45
C LYS A 93 14.36 17.38 -19.67
N SER A 94 14.58 16.27 -20.30
CA SER A 94 13.76 16.07 -21.41
C SER A 94 12.44 15.43 -21.06
N GLY A 95 12.32 14.88 -19.86
CA GLY A 95 11.08 14.23 -19.48
C GLY A 95 10.96 12.76 -20.00
N ARG A 96 12.07 12.02 -20.35
CA ARG A 96 11.86 10.65 -20.82
C ARG A 96 11.59 9.68 -19.67
N TYR A 97 11.12 10.18 -18.52
CA TYR A 97 10.92 9.24 -17.45
C TYR A 97 9.53 9.21 -16.84
N VAL A 98 9.24 8.09 -16.20
CA VAL A 98 7.95 7.95 -15.55
C VAL A 98 8.13 7.37 -14.13
N THR A 99 7.82 8.21 -13.22
CA THR A 99 7.90 7.93 -11.80
C THR A 99 6.53 7.85 -11.26
N VAL A 100 6.35 6.93 -10.43
CA VAL A 100 5.08 6.82 -9.84
C VAL A 100 5.27 6.55 -8.37
N GLN A 101 4.47 7.15 -7.57
CA GLN A 101 4.54 6.95 -6.13
C GLN A 101 4.16 5.55 -5.72
N GLY A 102 4.99 4.95 -4.89
CA GLY A 102 4.70 3.61 -4.45
C GLY A 102 4.65 3.47 -2.94
N ILE A 103 4.36 2.27 -2.56
CA ILE A 103 4.31 1.95 -1.17
C ILE A 103 5.70 1.58 -0.63
N SER A 104 6.57 2.63 -0.54
CA SER A 104 7.94 2.45 -0.04
C SER A 104 8.75 1.66 -1.09
N GLY A 105 9.96 1.26 -0.75
CA GLY A 105 10.76 0.56 -1.70
C GLY A 105 10.20 -0.75 -2.02
N THR A 106 9.53 -1.37 -1.04
CA THR A 106 9.00 -2.69 -1.29
C THR A 106 7.88 -2.61 -2.29
N GLY A 107 6.91 -1.71 -2.08
CA GLY A 107 5.82 -1.59 -3.02
C GLY A 107 6.33 -1.28 -4.40
N SER A 108 7.17 -0.24 -4.45
CA SER A 108 7.80 0.23 -5.65
C SER A 108 8.35 -0.96 -6.41
N LEU A 109 9.20 -1.68 -5.74
CA LEU A 109 9.79 -2.87 -6.25
C LEU A 109 8.74 -3.86 -6.80
N ARG A 110 7.61 -3.99 -6.13
CA ARG A 110 6.60 -4.94 -6.59
C ARG A 110 5.84 -4.48 -7.79
N VAL A 111 5.58 -3.19 -7.80
CA VAL A 111 4.90 -2.69 -8.97
C VAL A 111 5.78 -2.94 -10.23
N GLY A 112 7.08 -2.67 -10.11
CA GLY A 112 8.00 -2.86 -11.20
C GLY A 112 8.11 -4.29 -11.49
N ALA A 113 7.97 -5.09 -10.48
CA ALA A 113 8.05 -6.51 -10.80
C ALA A 113 6.81 -6.92 -11.52
N ASN A 114 5.70 -6.30 -11.15
CA ASN A 114 4.46 -6.67 -11.80
C ASN A 114 4.43 -6.20 -13.27
N PHE A 115 4.87 -5.00 -13.49
CA PHE A 115 4.96 -4.41 -14.83
C PHE A 115 5.85 -5.23 -15.74
N LEU A 116 6.93 -5.66 -15.18
CA LEU A 116 7.86 -6.44 -15.92
C LEU A 116 7.19 -7.70 -16.30
N GLN A 117 6.61 -8.40 -15.34
CA GLN A 117 5.93 -9.64 -15.62
C GLN A 117 4.91 -9.46 -16.70
N ARG A 118 4.34 -8.28 -16.74
CA ARG A 118 3.34 -7.97 -17.76
C ARG A 118 3.98 -7.60 -19.07
N PHE A 119 4.58 -6.41 -19.15
CA PHE A 119 5.22 -5.95 -20.37
C PHE A 119 6.64 -6.33 -20.79
N PHE A 120 7.43 -7.07 -20.04
CA PHE A 120 8.81 -7.40 -20.45
C PHE A 120 8.81 -8.71 -21.17
N LYS A 121 8.46 -8.57 -22.42
CA LYS A 121 8.35 -9.70 -23.29
C LYS A 121 9.62 -10.43 -23.69
N PHE A 122 10.81 -10.01 -23.30
CA PHE A 122 12.02 -10.73 -23.77
C PHE A 122 12.59 -11.75 -22.82
N SER A 123 12.32 -11.58 -21.53
CA SER A 123 12.79 -12.46 -20.49
C SER A 123 11.91 -12.51 -19.20
N ARG A 124 11.99 -13.68 -18.45
CA ARG A 124 11.31 -14.03 -17.18
C ARG A 124 12.31 -14.09 -16.03
N ASP A 125 13.60 -14.10 -16.41
CA ASP A 125 14.72 -14.22 -15.48
C ASP A 125 15.14 -12.92 -14.92
N VAL A 126 15.43 -12.99 -13.63
CA VAL A 126 15.88 -11.91 -12.79
C VAL A 126 17.12 -12.35 -12.13
N TYR A 127 18.11 -11.55 -12.42
CA TYR A 127 19.40 -11.82 -11.90
C TYR A 127 19.69 -10.94 -10.69
N LEU A 128 19.93 -11.60 -9.54
CA LEU A 128 20.24 -11.02 -8.24
C LEU A 128 21.68 -11.36 -7.87
N PRO A 129 22.22 -10.53 -7.07
CA PRO A 129 23.59 -10.72 -6.65
C PRO A 129 23.68 -11.69 -5.52
N LYS A 130 24.82 -12.31 -5.33
CA LYS A 130 25.04 -13.24 -4.20
C LYS A 130 25.91 -12.56 -3.18
N PRO A 131 25.35 -12.20 -2.03
CA PRO A 131 23.95 -12.45 -1.68
C PRO A 131 23.18 -11.17 -1.94
N SER A 132 21.87 -11.16 -1.67
CA SER A 132 21.09 -9.93 -1.82
C SER A 132 20.08 -9.83 -0.71
N TRP A 133 19.40 -8.69 -0.48
CA TRP A 133 18.37 -8.62 0.59
C TRP A 133 17.36 -9.73 0.41
N GLY A 134 17.02 -10.43 1.48
CA GLY A 134 16.07 -11.54 1.46
C GLY A 134 14.74 -11.30 0.72
N ASN A 135 14.05 -10.17 0.91
CA ASN A 135 12.78 -9.94 0.23
C ASN A 135 12.81 -9.86 -1.27
N HIS A 136 13.96 -9.74 -1.85
CA HIS A 136 13.98 -9.66 -3.28
C HIS A 136 13.44 -10.94 -3.89
N THR A 137 13.79 -12.08 -3.34
CA THR A 137 13.35 -13.36 -3.90
C THR A 137 11.88 -13.48 -4.13
N PRO A 138 11.16 -13.39 -3.04
CA PRO A 138 9.73 -13.52 -3.01
C PRO A 138 9.03 -12.45 -3.82
N ILE A 139 9.50 -11.24 -3.78
CA ILE A 139 8.84 -10.23 -4.57
C ILE A 139 8.89 -10.63 -6.06
N PHE A 140 10.01 -11.13 -6.45
CA PHE A 140 10.16 -11.47 -7.81
C PHE A 140 9.39 -12.67 -8.16
N ARG A 141 9.45 -13.60 -7.29
CA ARG A 141 8.73 -14.83 -7.50
C ARG A 141 7.21 -14.68 -7.45
N ASP A 142 6.72 -13.96 -6.47
CA ASP A 142 5.29 -13.77 -6.34
C ASP A 142 4.78 -13.03 -7.53
N ALA A 143 5.64 -12.36 -8.21
CA ALA A 143 5.11 -11.60 -9.34
C ALA A 143 5.06 -12.40 -10.62
N GLY A 144 5.65 -13.59 -10.62
CA GLY A 144 5.63 -14.42 -11.78
C GLY A 144 6.96 -14.43 -12.52
N LEU A 145 8.01 -14.03 -11.84
CA LEU A 145 9.29 -14.05 -12.49
C LEU A 145 10.12 -15.21 -12.00
N GLN A 146 11.21 -15.49 -12.72
CA GLN A 146 12.12 -16.59 -12.37
C GLN A 146 13.40 -15.93 -11.82
N LEU A 147 14.04 -16.52 -10.82
CA LEU A 147 15.23 -15.90 -10.29
C LEU A 147 16.50 -16.65 -10.61
N GLN A 148 17.51 -15.82 -10.88
CA GLN A 148 18.82 -16.24 -11.23
C GLN A 148 19.79 -15.48 -10.37
N ALA A 149 21.06 -15.87 -10.44
CA ALA A 149 22.07 -15.21 -9.62
C ALA A 149 23.44 -15.02 -10.23
N TYR A 150 24.09 -14.00 -9.69
CA TYR A 150 25.43 -13.64 -10.04
C TYR A 150 26.29 -13.41 -8.81
N ARG A 151 27.56 -13.85 -8.91
CA ARG A 151 28.54 -13.71 -7.88
C ARG A 151 28.72 -12.28 -7.51
N TYR A 152 29.00 -12.10 -6.21
CA TYR A 152 29.16 -10.75 -5.74
C TYR A 152 30.16 -10.57 -4.60
N TYR A 153 29.96 -11.27 -3.50
CA TYR A 153 30.80 -11.15 -2.33
C TYR A 153 31.46 -12.45 -2.19
N ASP A 154 32.66 -12.38 -1.70
CA ASP A 154 33.54 -13.48 -1.44
C ASP A 154 33.82 -13.34 0.01
N PRO A 155 33.27 -14.20 0.77
CA PRO A 155 33.35 -14.20 2.20
C PRO A 155 34.70 -14.52 2.76
N LYS A 156 35.54 -15.18 1.94
CA LYS A 156 36.89 -15.54 2.38
C LYS A 156 37.78 -14.29 2.61
N THR A 157 37.50 -13.24 1.81
CA THR A 157 38.14 -11.97 1.73
C THR A 157 37.26 -10.79 2.21
N CYS A 158 35.96 -11.06 2.44
CA CYS A 158 35.11 -9.99 2.87
C CYS A 158 35.07 -8.81 1.93
N SER A 159 35.04 -9.13 0.62
CA SER A 159 34.95 -8.10 -0.40
C SER A 159 34.37 -8.65 -1.68
N LEU A 160 34.03 -7.67 -2.51
CA LEU A 160 33.44 -7.90 -3.79
C LEU A 160 34.27 -8.85 -4.59
N ASP A 161 33.65 -9.82 -5.20
CA ASP A 161 34.33 -10.77 -6.02
C ASP A 161 34.11 -10.25 -7.40
N PHE A 162 34.75 -9.13 -7.72
CA PHE A 162 34.55 -8.57 -9.04
C PHE A 162 34.86 -9.50 -10.18
N THR A 163 35.74 -10.41 -9.91
CA THR A 163 36.13 -11.32 -10.95
C THR A 163 34.98 -12.19 -11.41
N GLY A 164 34.44 -12.98 -10.48
CA GLY A 164 33.30 -13.87 -10.73
C GLY A 164 32.09 -13.06 -11.23
N ALA A 165 31.88 -11.88 -10.68
CA ALA A 165 30.78 -11.07 -11.08
C ALA A 165 30.81 -10.80 -12.56
N MET A 166 31.97 -10.32 -13.02
CA MET A 166 32.15 -10.02 -14.41
C MET A 166 31.94 -11.25 -15.16
N GLU A 167 32.53 -12.36 -14.68
CA GLU A 167 32.30 -13.62 -15.42
C GLU A 167 30.85 -13.93 -15.64
N ASP A 168 30.17 -14.16 -14.53
CA ASP A 168 28.75 -14.41 -14.52
C ASP A 168 28.02 -13.42 -15.37
N ILE A 169 28.22 -12.16 -15.02
CA ILE A 169 27.58 -11.12 -15.71
C ILE A 169 27.75 -11.20 -17.18
N SER A 170 28.98 -11.33 -17.60
CA SER A 170 29.29 -11.43 -19.01
C SER A 170 28.52 -12.54 -19.75
N LYS A 171 28.15 -13.66 -19.06
CA LYS A 171 27.43 -14.83 -19.64
C LYS A 171 25.93 -14.75 -19.56
N ILE A 172 25.43 -13.69 -19.00
CA ILE A 172 24.00 -13.62 -18.88
C ILE A 172 23.39 -13.43 -20.25
N PRO A 173 22.38 -14.20 -20.54
CA PRO A 173 21.68 -14.12 -21.80
C PRO A 173 21.15 -12.74 -22.05
N GLU A 174 21.19 -12.35 -23.31
CA GLU A 174 20.79 -11.01 -23.61
C GLU A 174 19.37 -10.72 -23.15
N LYS A 175 19.03 -9.46 -23.21
CA LYS A 175 17.70 -9.02 -22.83
C LYS A 175 17.16 -9.52 -21.51
N SER A 176 17.96 -10.15 -20.65
CA SER A 176 17.51 -10.59 -19.33
C SER A 176 17.47 -9.37 -18.42
N ILE A 177 17.10 -9.63 -17.14
CA ILE A 177 16.99 -8.57 -16.14
C ILE A 177 18.12 -8.68 -15.12
N ILE A 178 18.66 -7.53 -14.70
CA ILE A 178 19.76 -7.51 -13.74
C ILE A 178 19.50 -6.58 -12.59
N LEU A 179 19.41 -7.16 -11.39
CA LEU A 179 19.11 -6.30 -10.28
C LEU A 179 20.39 -5.72 -9.74
N LEU A 180 20.45 -4.43 -9.51
CA LEU A 180 21.70 -3.91 -8.99
C LEU A 180 21.39 -2.98 -7.88
N HIS A 181 22.03 -3.15 -6.74
CA HIS A 181 21.79 -2.23 -5.64
C HIS A 181 22.58 -0.95 -5.94
N ALA A 182 21.90 0.14 -5.97
CA ALA A 182 22.45 1.46 -6.23
C ALA A 182 23.66 1.88 -5.31
N CYS A 183 23.60 1.47 -4.07
CA CYS A 183 24.62 1.78 -3.10
C CYS A 183 24.26 1.19 -1.76
N ALA A 184 25.31 0.87 -0.98
CA ALA A 184 25.19 0.24 0.31
C ALA A 184 24.48 -1.08 0.06
N HIS A 185 25.21 -1.98 -0.50
CA HIS A 185 24.62 -3.23 -0.81
C HIS A 185 24.21 -4.00 0.38
N ASN A 186 22.91 -4.21 0.51
CA ASN A 186 22.35 -4.98 1.62
C ASN A 186 22.51 -6.45 1.31
N PRO A 187 23.03 -7.31 2.17
CA PRO A 187 23.48 -7.08 3.53
C PRO A 187 24.98 -6.89 3.68
N THR A 188 25.66 -6.91 2.56
CA THR A 188 27.10 -6.88 2.44
C THR A 188 27.84 -5.64 2.83
N GLY A 189 27.35 -4.51 2.41
CA GLY A 189 27.97 -3.23 2.73
C GLY A 189 29.16 -2.94 1.88
N VAL A 190 29.29 -3.66 0.79
CA VAL A 190 30.41 -3.56 -0.15
C VAL A 190 29.94 -3.20 -1.51
N ASP A 191 30.24 -2.00 -1.90
CA ASP A 191 29.79 -1.58 -3.20
C ASP A 191 30.91 -1.49 -4.18
N PRO A 192 30.59 -1.60 -5.50
CA PRO A 192 31.64 -1.47 -6.49
C PRO A 192 32.25 -0.09 -6.36
N ARG A 193 33.49 0.00 -6.66
CA ARG A 193 34.15 1.26 -6.62
C ARG A 193 33.86 1.81 -8.04
N GLN A 194 33.65 3.09 -8.22
CA GLN A 194 33.40 3.78 -9.49
C GLN A 194 33.98 3.12 -10.75
N GLU A 195 35.26 2.81 -10.69
CA GLU A 195 35.88 2.17 -11.81
C GLU A 195 35.27 0.85 -12.08
N GLN A 196 34.98 0.10 -11.04
CA GLN A 196 34.38 -1.19 -11.30
C GLN A 196 33.03 -1.02 -11.95
N TRP A 197 32.36 -0.04 -11.42
CA TRP A 197 31.09 0.30 -11.90
C TRP A 197 31.19 0.65 -13.35
N LYS A 198 32.26 1.33 -13.76
CA LYS A 198 32.34 1.65 -15.16
C LYS A 198 32.37 0.35 -15.96
N GLU A 199 33.12 -0.55 -15.47
CA GLU A 199 33.22 -1.82 -16.11
C GLU A 199 31.95 -2.64 -16.05
N LEU A 200 31.04 -2.35 -15.13
CA LEU A 200 29.87 -3.19 -15.14
C LEU A 200 29.02 -2.71 -16.25
N ALA A 201 28.86 -1.38 -16.27
CA ALA A 201 28.05 -0.73 -17.28
C ALA A 201 28.29 -1.28 -18.69
N SER A 202 29.56 -1.32 -19.06
CA SER A 202 29.95 -1.84 -20.37
C SER A 202 29.39 -3.24 -20.56
N VAL A 203 29.62 -4.13 -19.62
CA VAL A 203 29.07 -5.45 -19.82
C VAL A 203 27.53 -5.45 -19.84
N VAL A 204 26.94 -4.55 -19.09
CA VAL A 204 25.50 -4.55 -19.08
C VAL A 204 25.00 -4.08 -20.43
N LYS A 205 25.64 -3.07 -20.95
CA LYS A 205 25.24 -2.52 -22.24
C LYS A 205 25.56 -3.48 -23.37
N LYS A 206 26.68 -4.13 -23.24
CA LYS A 206 27.04 -5.03 -24.26
C LYS A 206 26.11 -6.20 -24.39
N ARG A 207 25.80 -6.87 -23.30
CA ARG A 207 24.89 -7.97 -23.42
C ARG A 207 23.48 -7.47 -23.51
N ASN A 208 23.23 -6.17 -23.44
CA ASN A 208 21.81 -5.69 -23.52
C ASN A 208 20.86 -6.27 -22.46
N LEU A 209 21.17 -5.98 -21.21
CA LEU A 209 20.40 -6.44 -20.10
C LEU A 209 19.57 -5.27 -19.64
N LEU A 210 18.39 -5.52 -19.06
CA LEU A 210 17.61 -4.43 -18.53
C LEU A 210 18.10 -4.30 -17.10
N ALA A 211 18.45 -3.09 -16.71
CA ALA A 211 18.95 -2.95 -15.37
C ALA A 211 17.97 -2.31 -14.47
N TYR A 212 17.66 -3.07 -13.43
CA TYR A 212 16.73 -2.66 -12.43
C TYR A 212 17.55 -2.35 -11.26
N PHE A 213 17.52 -1.10 -10.86
CA PHE A 213 18.25 -0.65 -9.70
C PHE A 213 17.35 -0.56 -8.45
N ASP A 214 17.88 -1.06 -7.34
CA ASP A 214 17.28 -0.98 -6.02
C ASP A 214 17.93 0.15 -5.25
N MET A 215 17.17 1.20 -5.06
CA MET A 215 17.70 2.31 -4.38
C MET A 215 17.09 2.75 -3.09
N ALA A 216 17.27 1.87 -2.14
CA ALA A 216 16.82 2.14 -0.80
C ALA A 216 17.76 2.98 0.14
N TYR A 217 19.13 3.14 -0.09
CA TYR A 217 19.98 3.92 0.86
C TYR A 217 20.69 5.26 0.47
N GLN A 218 20.16 6.03 -0.45
CA GLN A 218 20.76 7.27 -0.88
C GLN A 218 21.09 8.19 0.23
N GLY A 219 22.42 8.33 0.37
CA GLY A 219 23.03 9.18 1.37
C GLY A 219 23.53 8.42 2.60
N PHE A 220 23.49 7.10 2.53
CA PHE A 220 23.88 6.29 3.63
C PHE A 220 25.15 5.56 3.35
N ALA A 221 25.56 5.64 2.12
CA ALA A 221 26.81 4.97 1.83
C ALA A 221 28.01 5.91 1.98
N SER A 222 27.80 7.19 1.71
CA SER A 222 28.84 8.20 1.80
C SER A 222 28.37 9.41 2.60
N GLY A 223 27.09 9.51 2.87
CA GLY A 223 26.69 10.64 3.58
C GLY A 223 26.36 11.63 2.55
N ASP A 224 26.69 11.28 1.29
CA ASP A 224 26.37 12.18 0.16
C ASP A 224 25.26 11.64 -0.75
N ILE A 225 24.24 12.47 -0.99
CA ILE A 225 23.20 11.97 -1.88
C ILE A 225 23.61 11.85 -3.33
N ASN A 226 24.13 12.92 -3.87
CA ASN A 226 24.60 12.93 -5.24
C ASN A 226 25.67 11.85 -5.44
N ARG A 227 26.75 11.85 -4.61
CA ARG A 227 27.79 10.84 -4.76
C ARG A 227 27.23 9.41 -4.73
N ASP A 228 26.14 9.28 -3.98
CA ASP A 228 25.49 7.99 -3.82
C ASP A 228 24.80 7.47 -5.05
N ALA A 229 24.33 8.36 -5.90
CA ALA A 229 23.63 7.99 -7.12
C ALA A 229 24.53 8.03 -8.34
N TRP A 230 25.84 8.19 -8.11
CA TRP A 230 26.79 8.26 -9.17
C TRP A 230 26.58 7.14 -10.15
N ALA A 231 26.59 5.94 -9.60
CA ALA A 231 26.40 4.74 -10.46
C ALA A 231 25.17 4.76 -11.35
N LEU A 232 24.03 5.02 -10.73
CA LEU A 232 22.77 5.08 -11.38
C LEU A 232 22.90 6.01 -12.55
N ARG A 233 23.15 7.25 -12.24
CA ARG A 233 23.34 8.28 -13.24
C ARG A 233 24.34 7.89 -14.29
N HIS A 234 25.45 7.27 -13.90
CA HIS A 234 26.38 6.88 -14.94
C HIS A 234 25.69 5.93 -15.94
N PHE A 235 25.01 4.91 -15.40
CA PHE A 235 24.31 3.94 -16.23
C PHE A 235 23.43 4.56 -17.31
N ILE A 236 22.67 5.53 -16.87
CA ILE A 236 21.78 6.22 -17.72
C ILE A 236 22.52 7.07 -18.68
N GLU A 237 23.57 7.78 -18.20
CA GLU A 237 24.35 8.63 -19.14
C GLU A 237 24.87 7.79 -20.31
N GLN A 238 25.37 6.58 -20.10
CA GLN A 238 25.84 5.73 -21.18
C GLN A 238 24.69 5.21 -22.00
N GLY A 239 23.57 5.80 -21.74
CA GLY A 239 22.36 5.43 -22.41
C GLY A 239 21.86 4.06 -22.01
N ILE A 240 21.73 3.75 -20.71
CA ILE A 240 21.18 2.47 -20.23
C ILE A 240 19.83 2.83 -19.54
N ASP A 241 18.72 2.51 -20.22
CA ASP A 241 17.35 2.79 -19.78
C ASP A 241 16.92 1.83 -18.68
N VAL A 242 17.24 2.24 -17.45
CA VAL A 242 16.94 1.48 -16.25
C VAL A 242 15.56 1.58 -15.69
N VAL A 243 15.35 0.74 -14.70
CA VAL A 243 14.09 0.79 -13.99
C VAL A 243 14.45 0.94 -12.56
N LEU A 244 13.72 1.70 -11.80
CA LEU A 244 14.24 1.82 -10.48
C LEU A 244 13.30 2.11 -9.33
N SER A 245 13.57 1.46 -8.17
CA SER A 245 12.77 1.69 -7.00
C SER A 245 13.50 2.54 -6.01
N GLN A 246 12.83 3.39 -5.34
CA GLN A 246 13.49 4.24 -4.37
C GLN A 246 12.67 4.23 -3.06
N SER A 247 13.38 4.32 -1.90
CA SER A 247 12.80 4.41 -0.57
C SER A 247 13.30 5.65 0.19
N TYR A 248 12.43 6.26 1.00
CA TYR A 248 12.78 7.38 1.84
C TYR A 248 12.61 6.99 3.30
N ALA A 249 12.47 5.69 3.49
CA ALA A 249 12.21 5.15 4.79
C ALA A 249 13.35 5.33 5.69
N LYS A 250 14.50 5.10 5.15
CA LYS A 250 15.66 5.19 5.97
C LYS A 250 16.14 6.62 5.95
N ASN A 251 16.56 7.03 4.77
CA ASN A 251 17.08 8.31 4.50
C ASN A 251 16.28 9.49 5.06
N MET A 252 15.03 9.29 5.37
CA MET A 252 14.20 10.35 5.94
C MET A 252 13.50 9.81 7.17
N GLY A 253 13.79 8.56 7.46
CA GLY A 253 13.20 7.82 8.60
C GLY A 253 11.66 7.79 8.55
N LEU A 254 11.09 7.55 7.38
CA LEU A 254 9.63 7.57 7.31
C LEU A 254 9.10 6.19 7.20
N TYR A 255 9.86 5.32 7.77
CA TYR A 255 9.65 3.91 7.77
C TYR A 255 8.24 3.45 7.57
N GLY A 256 7.47 3.80 8.54
CA GLY A 256 6.08 3.46 8.67
C GLY A 256 5.12 4.13 7.75
N GLU A 257 5.51 5.29 7.29
CA GLU A 257 4.68 6.08 6.45
C GLU A 257 4.58 5.55 5.08
N ARG A 258 5.49 4.68 4.74
CA ARG A 258 5.45 4.11 3.39
C ARG A 258 5.63 5.11 2.24
N ALA A 259 6.86 5.66 2.05
CA ALA A 259 7.16 6.67 0.98
C ALA A 259 8.28 6.31 0.00
N GLY A 260 7.94 5.96 -1.25
CA GLY A 260 8.96 5.62 -2.25
C GLY A 260 8.45 5.74 -3.68
N ALA A 261 9.17 5.11 -4.63
CA ALA A 261 8.68 5.24 -5.96
C ALA A 261 9.31 4.28 -6.96
N PHE A 262 8.73 4.25 -8.13
CA PHE A 262 9.22 3.40 -9.16
C PHE A 262 9.27 4.22 -10.40
N THR A 263 10.48 4.21 -10.97
CA THR A 263 10.74 4.99 -12.15
C THR A 263 11.18 4.08 -13.28
N VAL A 264 10.63 4.39 -14.47
CA VAL A 264 10.89 3.75 -15.75
C VAL A 264 11.48 4.83 -16.62
N ILE A 265 12.60 4.49 -17.23
CA ILE A 265 13.36 5.38 -18.08
C ILE A 265 13.05 5.01 -19.53
N CYS A 266 12.30 5.91 -20.22
CA CYS A 266 11.84 5.76 -21.58
C CYS A 266 12.66 6.46 -22.60
N ARG A 267 12.37 6.05 -23.82
CA ARG A 267 12.99 6.54 -25.02
C ARG A 267 12.73 8.01 -25.23
N ASP A 268 11.50 8.40 -24.99
CA ASP A 268 11.01 9.74 -25.12
C ASP A 268 9.92 9.95 -24.10
N ALA A 269 9.38 11.15 -24.14
CA ALA A 269 8.27 11.49 -23.28
C ALA A 269 6.99 10.81 -23.78
N GLU A 270 6.82 10.57 -25.06
CA GLU A 270 5.58 9.93 -25.45
C GLU A 270 5.49 8.52 -24.89
N GLU A 271 6.60 7.85 -25.02
CA GLU A 271 6.74 6.50 -24.58
C GLU A 271 6.40 6.53 -23.15
N ALA A 272 7.04 7.48 -22.51
CA ALA A 272 6.82 7.71 -21.11
C ALA A 272 5.35 7.84 -20.80
N LYS A 273 4.61 8.58 -21.64
CA LYS A 273 3.20 8.69 -21.27
C LYS A 273 2.48 7.38 -21.41
N ARG A 274 2.88 6.62 -22.37
CA ARG A 274 2.22 5.39 -22.53
C ARG A 274 2.43 4.51 -21.38
N VAL A 275 3.71 4.28 -21.08
CA VAL A 275 4.09 3.42 -19.97
C VAL A 275 3.28 3.69 -18.70
N GLU A 276 3.17 4.96 -18.36
CA GLU A 276 2.44 5.38 -17.18
C GLU A 276 1.02 4.90 -17.19
N SER A 277 0.41 5.04 -18.37
CA SER A 277 -0.98 4.63 -18.57
C SER A 277 -1.18 3.25 -18.06
N GLN A 278 -0.20 2.44 -18.41
CA GLN A 278 -0.18 1.04 -18.04
C GLN A 278 0.11 0.80 -16.59
N LEU A 279 0.83 1.69 -16.03
CA LEU A 279 1.18 1.56 -14.63
C LEU A 279 -0.02 1.76 -13.76
N LYS A 280 -0.76 2.77 -14.12
CA LYS A 280 -1.95 3.04 -13.33
C LYS A 280 -2.91 1.89 -13.40
N ILE A 281 -3.08 1.37 -14.58
CA ILE A 281 -3.98 0.30 -14.69
C ILE A 281 -3.48 -0.88 -13.90
N LEU A 282 -2.23 -0.87 -13.62
CA LEU A 282 -1.73 -2.02 -12.94
C LEU A 282 -1.85 -1.85 -11.46
N ILE A 283 -1.83 -0.60 -11.06
CA ILE A 283 -1.90 -0.24 -9.68
C ILE A 283 -3.30 -0.05 -9.13
N ARG A 284 -4.21 0.34 -9.99
CA ARG A 284 -5.60 0.56 -9.61
C ARG A 284 -6.24 -0.57 -8.84
N PRO A 285 -6.14 -1.81 -9.34
CA PRO A 285 -6.71 -2.98 -8.71
C PRO A 285 -5.72 -3.65 -7.83
N MET A 286 -4.92 -2.86 -7.09
CA MET A 286 -3.92 -3.37 -6.15
C MET A 286 -4.19 -2.73 -4.81
N TYR A 287 -4.30 -1.40 -4.92
CA TYR A 287 -4.54 -0.56 -3.80
C TYR A 287 -5.27 0.73 -4.15
N SER A 288 -5.55 0.91 -5.44
CA SER A 288 -6.26 2.05 -5.97
C SER A 288 -5.42 3.32 -6.09
N ASN A 289 -5.00 3.84 -4.96
CA ASN A 289 -4.19 5.02 -4.91
C ASN A 289 -3.30 4.84 -3.71
N PRO A 290 -2.21 5.57 -3.60
CA PRO A 290 -1.26 5.37 -2.51
C PRO A 290 -1.54 6.31 -1.34
N PRO A 291 -0.88 6.05 -0.22
CA PRO A 291 -0.99 6.76 1.00
C PRO A 291 -0.22 8.04 0.99
N MET A 292 -0.96 9.11 1.33
CA MET A 292 -0.55 10.48 1.33
C MET A 292 0.34 11.10 2.37
N ASN A 293 0.49 10.62 3.59
CA ASN A 293 1.32 11.39 4.52
C ASN A 293 2.78 11.44 4.18
N GLY A 294 3.36 10.27 3.99
CA GLY A 294 4.72 10.15 3.64
C GLY A 294 5.05 11.03 2.48
N ALA A 295 4.29 10.91 1.44
CA ALA A 295 4.54 11.77 0.33
C ALA A 295 4.40 13.29 0.59
N ARG A 296 3.55 13.70 1.45
CA ARG A 296 3.43 15.13 1.64
C ARG A 296 4.68 15.69 2.24
N ILE A 297 5.16 14.92 3.20
CA ILE A 297 6.35 15.17 3.96
C ILE A 297 7.60 15.20 3.05
N ALA A 298 7.93 14.09 2.39
CA ALA A 298 9.07 14.05 1.50
C ALA A 298 8.95 15.11 0.48
N SER A 299 7.76 15.47 0.18
CA SER A 299 7.68 16.44 -0.85
C SER A 299 7.98 17.79 -0.37
N LEU A 300 7.44 18.09 0.75
CA LEU A 300 7.63 19.39 1.34
C LEU A 300 9.11 19.66 1.64
N ILE A 301 9.81 18.61 1.94
CA ILE A 301 11.18 18.73 2.26
C ILE A 301 12.00 18.82 0.99
N LEU A 302 11.79 17.88 0.11
CA LEU A 302 12.53 17.87 -1.12
C LEU A 302 12.31 19.15 -1.87
N ASN A 303 11.21 19.82 -1.59
CA ASN A 303 10.94 21.06 -2.33
C ASN A 303 11.07 22.36 -1.55
N THR A 304 11.28 22.31 -0.28
CA THR A 304 11.40 23.58 0.40
C THR A 304 12.82 23.73 0.79
N PRO A 305 13.56 24.52 0.01
CA PRO A 305 14.95 24.89 0.14
C PRO A 305 15.69 24.71 1.48
N GLU A 306 15.19 25.40 2.50
CA GLU A 306 15.74 25.31 3.83
C GLU A 306 15.70 23.89 4.40
N LEU A 307 14.54 23.21 4.19
CA LEU A 307 14.27 21.85 4.63
C LEU A 307 15.24 20.90 3.99
N ARG A 308 15.50 21.13 2.67
CA ARG A 308 16.47 20.33 1.97
C ARG A 308 17.81 20.46 2.66
N LYS A 309 18.23 21.72 2.93
CA LYS A 309 19.50 22.02 3.60
C LYS A 309 19.63 21.13 4.80
N GLU A 310 18.67 21.40 5.67
CA GLU A 310 18.50 20.67 6.95
C GLU A 310 18.52 19.13 6.80
N TRP A 311 17.71 18.64 5.88
CA TRP A 311 17.66 17.25 5.69
C TRP A 311 19.00 16.62 5.39
N LEU A 312 19.71 17.27 4.47
CA LEU A 312 20.99 16.75 4.02
C LEU A 312 21.95 16.69 5.09
N VAL A 313 21.94 17.73 5.85
CA VAL A 313 22.80 17.77 6.96
C VAL A 313 22.46 16.57 7.87
N GLU A 314 21.17 16.38 8.27
CA GLU A 314 20.81 15.26 9.14
C GLU A 314 21.19 13.96 8.52
N VAL A 315 21.35 13.96 7.20
CA VAL A 315 21.74 12.69 6.69
C VAL A 315 23.20 12.43 7.01
N LYS A 316 24.00 13.53 6.98
CA LYS A 316 25.45 13.40 7.28
C LYS A 316 25.74 12.86 8.68
N GLY A 317 25.06 13.51 9.64
CA GLY A 317 25.13 13.13 11.05
C GLY A 317 24.74 11.69 11.28
N MET A 318 23.71 11.18 10.57
CA MET A 318 23.37 9.81 10.79
C MET A 318 24.51 8.94 10.27
N ALA A 319 24.92 9.21 9.01
CA ALA A 319 26.02 8.41 8.46
C ALA A 319 27.27 8.46 9.33
N ASP A 320 27.59 9.67 9.83
CA ASP A 320 28.72 9.90 10.70
C ASP A 320 28.65 9.00 11.95
N ARG A 321 27.54 9.11 12.67
CA ARG A 321 27.31 8.30 13.85
C ARG A 321 27.48 6.82 13.60
N ILE A 322 27.00 6.35 12.45
CA ILE A 322 27.14 4.94 12.18
C ILE A 322 28.58 4.60 12.19
N ILE A 323 29.30 5.46 11.54
CA ILE A 323 30.72 5.27 11.45
C ILE A 323 31.43 5.24 12.78
N SER A 324 31.09 6.14 13.63
CA SER A 324 31.73 6.12 14.90
C SER A 324 31.45 4.78 15.62
N MET A 325 30.22 4.23 15.52
CA MET A 325 29.88 2.95 16.17
C MET A 325 30.72 1.83 15.66
N ARG A 326 31.03 1.89 14.40
CA ARG A 326 31.83 0.84 13.79
C ARG A 326 33.21 0.86 14.35
N THR A 327 33.71 2.07 14.39
CA THR A 327 35.03 2.42 14.87
C THR A 327 35.02 2.04 16.33
N GLN A 328 34.10 2.58 17.10
CA GLN A 328 34.06 2.20 18.53
C GLN A 328 33.92 0.66 18.71
N LEU A 329 33.05 0.02 17.92
CA LEU A 329 32.88 -1.39 18.07
C LEU A 329 34.15 -2.15 17.84
N VAL A 330 34.90 -1.75 16.84
CA VAL A 330 36.11 -2.49 16.59
C VAL A 330 37.12 -2.41 17.71
N SER A 331 37.29 -1.20 18.19
CA SER A 331 38.21 -0.92 19.29
C SER A 331 37.81 -1.78 20.51
N ASN A 332 36.54 -1.66 20.97
CA ASN A 332 36.06 -2.44 22.08
C ASN A 332 36.42 -3.92 22.02
N LEU A 333 36.32 -4.51 20.83
CA LEU A 333 36.68 -5.88 20.61
C LEU A 333 38.18 -6.09 20.90
N LYS A 334 38.98 -5.07 20.68
CA LYS A 334 40.39 -5.24 20.99
C LYS A 334 40.60 -5.01 22.46
N LYS A 335 39.90 -4.02 22.99
CA LYS A 335 40.04 -3.77 24.41
C LYS A 335 39.64 -5.02 25.19
N GLU A 336 38.68 -5.82 24.65
CA GLU A 336 38.23 -7.03 25.30
C GLU A 336 39.17 -8.19 25.04
N GLY A 337 40.11 -7.95 24.16
CA GLY A 337 41.09 -8.97 23.85
C GLY A 337 40.78 -9.81 22.65
N SER A 338 39.99 -9.30 21.66
CA SER A 338 39.70 -10.13 20.49
C SER A 338 40.94 -10.38 19.67
N SER A 339 41.12 -11.63 19.28
CA SER A 339 42.26 -12.02 18.48
C SER A 339 42.03 -11.85 16.96
N HIS A 340 40.81 -12.16 16.51
CA HIS A 340 40.35 -12.07 15.13
C HIS A 340 40.49 -10.70 14.60
N ASN A 341 40.46 -10.63 13.28
CA ASN A 341 40.58 -9.40 12.55
C ASN A 341 39.22 -8.85 12.25
N TRP A 342 38.90 -7.69 12.85
CA TRP A 342 37.58 -7.06 12.70
C TRP A 342 37.49 -5.90 11.73
N GLN A 343 38.49 -5.82 10.88
CA GLN A 343 38.58 -4.75 9.90
C GLN A 343 37.35 -4.45 9.08
N HIS A 344 36.69 -5.52 8.72
CA HIS A 344 35.52 -5.48 7.90
C HIS A 344 34.42 -4.57 8.42
N ILE A 345 34.27 -4.56 9.73
CA ILE A 345 33.29 -3.76 10.40
C ILE A 345 33.42 -2.34 9.91
N THR A 346 34.64 -1.83 10.02
CA THR A 346 34.91 -0.45 9.57
C THR A 346 34.95 -0.38 8.04
N ASP A 347 35.37 -1.43 7.38
CA ASP A 347 35.43 -1.32 5.93
C ASP A 347 34.09 -1.20 5.25
N GLN A 348 33.12 -1.84 5.86
CA GLN A 348 31.82 -1.84 5.30
C GLN A 348 31.12 -0.52 5.41
N ILE A 349 30.10 -0.30 4.57
CA ILE A 349 29.40 0.98 4.60
C ILE A 349 27.92 0.78 4.74
N GLY A 350 27.16 1.82 5.00
CA GLY A 350 25.75 1.61 5.10
C GLY A 350 25.24 1.41 6.50
N MET A 351 24.16 0.66 6.58
CA MET A 351 23.55 0.41 7.85
C MET A 351 23.97 -0.82 8.56
N PHE A 352 24.63 -1.74 7.90
CA PHE A 352 25.02 -2.94 8.60
C PHE A 352 26.46 -3.35 8.53
N CYS A 353 26.63 -4.48 9.23
CA CYS A 353 27.83 -5.19 9.33
C CYS A 353 27.49 -6.62 9.05
N PHE A 354 28.24 -7.21 8.15
CA PHE A 354 28.11 -8.57 7.75
C PHE A 354 29.31 -9.26 8.36
N THR A 355 29.26 -9.36 9.66
CA THR A 355 30.32 -9.90 10.45
C THR A 355 30.80 -11.30 10.27
N GLY A 356 30.29 -12.12 9.37
CA GLY A 356 30.86 -13.49 9.36
C GLY A 356 30.40 -14.51 10.45
N LEU A 357 29.77 -14.05 11.56
CA LEU A 357 29.33 -15.00 12.61
C LEU A 357 28.49 -16.12 11.99
N LYS A 358 28.70 -17.34 12.49
CA LYS A 358 27.95 -18.55 12.08
C LYS A 358 26.72 -18.72 12.98
N PRO A 359 25.80 -19.51 12.48
CA PRO A 359 24.53 -19.81 13.13
C PRO A 359 24.48 -20.06 14.64
N GLU A 360 25.46 -20.80 15.14
CA GLU A 360 25.48 -21.06 16.56
C GLU A 360 25.84 -19.85 17.40
N GLN A 361 26.56 -18.94 16.75
CA GLN A 361 26.99 -17.78 17.50
C GLN A 361 25.89 -16.81 17.60
N VAL A 362 25.15 -16.82 16.50
CA VAL A 362 24.07 -15.94 16.47
C VAL A 362 23.12 -16.39 17.55
N GLU A 363 22.95 -17.74 17.63
CA GLU A 363 22.13 -18.38 18.67
C GLU A 363 22.51 -17.84 20.06
N ARG A 364 23.78 -18.12 20.47
CA ARG A 364 24.32 -17.67 21.74
C ARG A 364 24.03 -16.20 21.96
N LEU A 365 24.21 -15.41 20.91
CA LEU A 365 23.97 -14.02 21.10
C LEU A 365 22.56 -13.68 21.52
N THR A 366 21.70 -14.52 21.04
CA THR A 366 20.31 -14.29 21.30
C THR A 366 19.91 -14.73 22.67
N LYS A 367 20.29 -16.00 22.84
CA LYS A 367 20.08 -16.73 24.05
C LYS A 367 20.76 -16.13 25.24
N GLU A 368 22.06 -16.04 25.28
CA GLU A 368 22.59 -15.46 26.48
C GLU A 368 22.68 -14.01 26.56
N PHE A 369 22.70 -13.30 25.44
CA PHE A 369 22.83 -11.84 25.62
C PHE A 369 21.64 -11.10 25.21
N SER A 370 20.78 -11.81 24.52
CA SER A 370 19.56 -11.22 24.08
C SER A 370 19.87 -10.16 23.11
N ILE A 371 20.77 -10.58 22.25
CA ILE A 371 21.25 -9.75 21.17
C ILE A 371 20.68 -10.28 19.86
N TYR A 372 19.75 -9.49 19.32
CA TYR A 372 19.05 -9.87 18.11
C TYR A 372 19.64 -9.43 16.81
N MET A 373 19.73 -10.39 15.90
CA MET A 373 20.28 -10.19 14.60
C MET A 373 19.88 -11.31 13.63
N THR A 374 19.98 -11.03 12.34
CA THR A 374 19.62 -12.02 11.37
C THR A 374 20.65 -13.13 11.39
N LYS A 375 20.17 -14.30 11.06
CA LYS A 375 21.00 -15.48 11.09
C LYS A 375 22.13 -15.53 10.06
N ASP A 376 22.11 -14.59 9.16
CA ASP A 376 23.18 -14.62 8.22
C ASP A 376 24.50 -13.98 8.80
N GLY A 377 24.38 -13.40 10.00
CA GLY A 377 25.51 -12.78 10.61
C GLY A 377 25.37 -11.29 10.47
N ARG A 378 24.24 -10.86 9.98
CA ARG A 378 24.06 -9.43 9.76
C ARG A 378 23.61 -8.67 10.95
N ILE A 379 24.41 -7.67 11.36
CA ILE A 379 23.99 -6.87 12.48
C ILE A 379 23.80 -5.51 11.93
N SER A 380 22.90 -4.73 12.55
CA SER A 380 22.61 -3.41 12.12
C SER A 380 23.34 -2.54 13.08
N VAL A 381 24.42 -1.95 12.55
CA VAL A 381 25.31 -1.07 13.25
C VAL A 381 24.63 0.24 13.57
N ALA A 382 23.55 0.60 12.84
CA ALA A 382 22.76 1.85 13.02
C ALA A 382 21.91 1.77 14.26
N GLY A 383 21.80 0.57 14.73
CA GLY A 383 21.00 0.38 15.90
C GLY A 383 21.82 0.25 17.19
N VAL A 384 23.11 0.61 17.17
CA VAL A 384 23.94 0.54 18.33
C VAL A 384 24.05 1.91 18.97
N ALA A 385 24.04 1.92 20.29
CA ALA A 385 24.11 3.15 21.08
C ALA A 385 25.42 3.27 21.79
N SER A 386 25.80 4.53 22.03
CA SER A 386 27.03 4.86 22.69
C SER A 386 27.10 4.00 23.92
N SER A 387 25.95 3.92 24.50
CA SER A 387 25.71 3.18 25.69
C SER A 387 25.62 1.66 25.56
N ASN A 388 25.93 1.00 24.42
CA ASN A 388 25.80 -0.48 24.45
C ASN A 388 26.76 -1.16 23.52
N VAL A 389 27.54 -0.32 22.87
CA VAL A 389 28.50 -0.83 21.94
C VAL A 389 29.48 -1.62 22.73
N GLY A 390 29.61 -1.23 23.98
CA GLY A 390 30.54 -1.89 24.88
C GLY A 390 30.19 -3.33 25.11
N TYR A 391 28.89 -3.44 25.52
CA TYR A 391 28.19 -4.68 25.82
C TYR A 391 28.31 -5.57 24.62
N LEU A 392 27.90 -5.02 23.46
CA LEU A 392 27.95 -5.74 22.21
C LEU A 392 29.33 -6.32 21.96
N ALA A 393 30.32 -5.48 22.23
CA ALA A 393 31.69 -5.88 22.03
C ALA A 393 31.91 -7.01 22.91
N HIS A 394 31.57 -6.83 24.15
CA HIS A 394 31.71 -7.91 25.07
C HIS A 394 31.09 -9.23 24.60
N ALA A 395 29.84 -9.18 24.25
CA ALA A 395 29.14 -10.36 23.78
C ALA A 395 29.71 -10.98 22.51
N ILE A 396 29.95 -10.16 21.45
CA ILE A 396 30.48 -10.68 20.22
C ILE A 396 31.75 -11.47 20.49
N HIS A 397 32.55 -10.94 21.40
CA HIS A 397 33.80 -11.57 21.81
C HIS A 397 33.65 -12.91 22.54
N GLN A 398 32.86 -12.97 23.60
CA GLN A 398 32.70 -14.20 24.33
C GLN A 398 32.23 -15.38 23.47
N VAL A 399 31.39 -15.07 22.49
CA VAL A 399 30.81 -16.06 21.57
C VAL A 399 31.82 -16.47 20.50
N THR A 400 32.80 -15.62 20.41
CA THR A 400 33.85 -15.71 19.46
C THR A 400 35.18 -16.20 19.99
N LYS A 401 35.31 -16.13 21.32
CA LYS A 401 36.49 -16.52 22.06
C LYS A 401 36.94 -17.93 21.70
N SER B 1 13.57 0.86 -31.87
CA SER B 1 13.05 -0.18 -30.98
C SER B 1 13.84 -0.28 -29.68
N SER B 2 13.14 -0.01 -28.57
CA SER B 2 13.70 -0.07 -27.24
C SER B 2 12.96 -1.11 -26.39
N TRP B 3 12.73 -0.82 -25.14
CA TRP B 3 12.09 -1.82 -24.34
C TRP B 3 10.59 -1.72 -24.32
N TRP B 4 10.10 -0.54 -24.24
CA TRP B 4 8.68 -0.40 -24.15
C TRP B 4 8.05 0.15 -25.42
N SER B 5 8.56 -0.20 -26.57
CA SER B 5 7.96 0.38 -27.77
C SER B 5 6.55 -0.12 -28.04
N HIS B 6 6.42 -1.41 -27.78
CA HIS B 6 5.21 -2.17 -27.93
C HIS B 6 4.21 -1.87 -26.83
N VAL B 7 4.40 -0.86 -26.06
CA VAL B 7 3.42 -0.67 -25.03
C VAL B 7 2.39 0.33 -25.45
N GLU B 8 1.14 -0.11 -25.38
CA GLU B 8 0.00 0.70 -25.77
C GLU B 8 -0.42 1.69 -24.75
N MET B 9 -1.23 2.56 -25.24
CA MET B 9 -1.76 3.46 -24.32
C MET B 9 -3.06 2.85 -23.88
N GLY B 10 -3.22 2.67 -22.59
CA GLY B 10 -4.45 2.15 -22.07
C GLY B 10 -5.40 3.36 -21.72
N PRO B 11 -6.65 3.09 -21.58
CA PRO B 11 -7.55 4.17 -21.26
C PRO B 11 -7.70 4.41 -19.79
N PRO B 12 -8.13 5.62 -19.49
CA PRO B 12 -8.36 6.05 -18.13
C PRO B 12 -9.48 5.31 -17.42
N ASP B 13 -9.29 5.28 -16.11
CA ASP B 13 -10.23 4.65 -15.25
C ASP B 13 -11.57 5.26 -15.42
N PRO B 14 -12.45 4.32 -15.44
CA PRO B 14 -13.89 4.47 -15.53
C PRO B 14 -14.46 5.42 -14.46
N ILE B 15 -13.92 5.27 -13.22
CA ILE B 15 -14.28 6.05 -12.03
C ILE B 15 -13.24 7.10 -11.70
N LEU B 16 -12.00 6.64 -11.29
CA LEU B 16 -10.88 7.59 -10.97
C LEU B 16 -10.56 8.57 -12.16
N GLY B 17 -10.58 8.07 -13.41
CA GLY B 17 -10.29 8.96 -14.53
C GLY B 17 -11.24 10.13 -14.70
N VAL B 18 -12.34 10.06 -14.04
CA VAL B 18 -13.26 11.14 -14.21
C VAL B 18 -12.75 12.33 -13.45
N THR B 19 -12.09 12.06 -12.29
CA THR B 19 -11.56 13.18 -11.54
C THR B 19 -10.60 13.92 -12.45
N GLU B 20 -9.74 13.15 -13.13
CA GLU B 20 -8.76 13.73 -14.04
C GLU B 20 -9.46 14.66 -15.00
N ALA B 21 -10.30 14.09 -15.86
CA ALA B 21 -11.01 14.91 -16.84
C ALA B 21 -11.71 16.16 -16.25
N PHE B 22 -12.19 16.01 -15.00
CA PHE B 22 -12.85 17.11 -14.33
C PHE B 22 -11.85 18.26 -14.17
N LYS B 23 -10.74 17.92 -13.41
CA LYS B 23 -9.60 18.76 -13.02
C LYS B 23 -9.12 19.73 -14.06
N ARG B 24 -9.27 19.35 -15.34
CA ARG B 24 -8.86 20.11 -16.53
C ARG B 24 -9.87 21.06 -17.15
N ASP B 25 -11.14 20.97 -16.69
CA ASP B 25 -12.24 21.80 -17.16
C ASP B 25 -12.18 23.14 -16.47
N THR B 26 -12.32 24.17 -17.30
CA THR B 26 -12.25 25.60 -17.00
C THR B 26 -13.50 26.34 -16.50
N ASN B 27 -14.66 25.69 -16.71
CA ASN B 27 -15.95 26.20 -16.31
C ASN B 27 -16.04 26.33 -14.77
N SER B 28 -16.57 27.49 -14.30
CA SER B 28 -16.70 27.80 -12.86
C SER B 28 -17.72 26.96 -12.12
N LYS B 29 -18.69 26.46 -12.91
CA LYS B 29 -19.84 25.63 -12.54
C LYS B 29 -19.63 24.12 -12.74
N LYS B 30 -18.41 23.63 -12.54
CA LYS B 30 -18.15 22.23 -12.71
C LYS B 30 -18.66 21.52 -11.52
N MET B 31 -18.88 20.24 -11.77
CA MET B 31 -19.40 19.36 -10.75
C MET B 31 -18.77 18.00 -10.83
N ASN B 32 -18.14 17.66 -9.73
CA ASN B 32 -17.53 16.37 -9.75
C ASN B 32 -18.45 15.33 -9.07
N LEU B 33 -19.25 14.70 -9.89
CA LEU B 33 -20.14 13.69 -9.38
C LEU B 33 -19.73 12.28 -9.83
N GLY B 34 -18.42 12.02 -9.95
CA GLY B 34 -17.95 10.70 -10.39
C GLY B 34 -17.67 9.77 -9.21
N VAL B 35 -16.49 9.97 -8.57
CA VAL B 35 -16.04 9.20 -7.40
C VAL B 35 -16.86 9.59 -6.21
N GLY B 36 -17.05 8.60 -5.37
CA GLY B 36 -17.79 8.73 -4.16
C GLY B 36 -17.00 9.47 -3.09
N ALA B 37 -16.87 10.74 -3.27
CA ALA B 37 -16.18 11.47 -2.27
C ALA B 37 -17.16 12.49 -1.72
N TYR B 38 -17.35 12.43 -0.38
CA TYR B 38 -18.22 13.30 0.36
C TYR B 38 -17.74 14.74 0.47
N ARG B 39 -18.75 15.57 0.19
CA ARG B 39 -18.69 17.00 0.23
C ARG B 39 -19.59 17.50 1.34
N ASP B 40 -19.28 18.70 1.76
CA ASP B 40 -20.05 19.35 2.77
C ASP B 40 -21.07 20.17 2.04
N ASP B 41 -21.92 20.85 2.75
CA ASP B 41 -22.93 21.65 2.10
C ASP B 41 -22.36 22.84 1.32
N ASN B 42 -21.06 23.08 1.47
CA ASN B 42 -20.34 24.18 0.82
C ASN B 42 -19.64 23.73 -0.47
N GLY B 43 -19.61 22.40 -0.67
CA GLY B 43 -19.03 21.77 -1.83
C GLY B 43 -17.55 21.48 -1.64
N LYS B 44 -17.20 21.41 -0.38
CA LYS B 44 -15.87 21.20 0.12
C LYS B 44 -15.62 19.90 0.83
N PRO B 45 -14.38 19.39 0.66
CA PRO B 45 -13.98 18.19 1.32
C PRO B 45 -14.19 18.43 2.79
N TYR B 46 -14.53 17.35 3.46
CA TYR B 46 -14.81 17.46 4.86
C TYR B 46 -14.02 16.44 5.57
N VAL B 47 -13.25 17.01 6.52
CA VAL B 47 -12.40 16.25 7.39
C VAL B 47 -12.98 16.30 8.75
N LEU B 48 -13.57 15.16 9.13
CA LEU B 48 -14.20 14.97 10.40
C LEU B 48 -13.48 15.67 11.56
N ASN B 49 -14.28 16.06 12.53
CA ASN B 49 -13.80 16.73 13.67
C ASN B 49 -13.09 15.85 14.64
N CYS B 50 -13.49 14.62 14.59
CA CYS B 50 -12.90 13.64 15.44
C CYS B 50 -11.56 13.21 14.81
N VAL B 51 -11.43 13.49 13.50
CA VAL B 51 -10.21 13.14 12.80
C VAL B 51 -9.23 14.25 13.03
N ARG B 52 -9.74 15.48 13.06
CA ARG B 52 -8.82 16.58 13.32
C ARG B 52 -8.22 16.47 14.69
N LYS B 53 -9.07 16.04 15.65
CA LYS B 53 -8.77 15.86 17.10
C LYS B 53 -7.82 14.75 17.32
N ALA B 54 -8.06 13.74 16.50
CA ALA B 54 -7.28 12.54 16.56
C ALA B 54 -5.85 12.82 16.16
N GLU B 55 -5.69 13.64 15.13
CA GLU B 55 -4.37 13.94 14.65
C GLU B 55 -3.56 14.63 15.77
N ALA B 56 -4.18 15.69 16.27
CA ALA B 56 -3.62 16.53 17.31
C ALA B 56 -2.96 15.75 18.45
N MET B 57 -3.58 14.62 18.83
CA MET B 57 -3.05 13.79 19.90
C MET B 57 -1.87 13.02 19.40
N ILE B 58 -1.84 12.79 18.10
CA ILE B 58 -0.75 12.04 17.59
C ILE B 58 0.47 12.90 17.60
N ALA B 59 0.17 14.15 17.22
CA ALA B 59 1.12 15.23 17.11
C ALA B 59 1.74 15.53 18.41
N ALA B 60 0.89 15.59 19.41
CA ALA B 60 1.25 15.91 20.77
C ALA B 60 1.92 14.82 21.56
N LYS B 61 1.83 13.61 21.09
CA LYS B 61 2.42 12.53 21.82
C LYS B 61 3.82 12.29 21.29
N LYS B 62 4.24 13.15 20.34
CA LYS B 62 5.56 13.07 19.69
C LYS B 62 5.83 11.62 19.28
N MET B 63 4.97 11.05 18.38
CA MET B 63 5.11 9.64 17.99
C MET B 63 6.18 9.34 16.97
N ASP B 64 6.81 8.20 17.14
CA ASP B 64 7.82 7.74 16.25
C ASP B 64 7.22 7.34 14.93
N LYS B 65 8.09 7.01 13.99
CA LYS B 65 7.71 6.58 12.68
C LYS B 65 8.31 5.23 12.32
N GLU B 66 8.56 4.45 13.38
CA GLU B 66 9.08 3.11 13.23
C GLU B 66 8.09 2.29 12.43
N TYR B 67 8.55 1.20 11.92
CA TYR B 67 7.86 0.22 11.10
C TYR B 67 6.82 -0.57 11.87
N LEU B 68 5.59 -0.64 11.34
CA LEU B 68 4.48 -1.42 11.93
C LEU B 68 4.74 -2.90 11.68
N PRO B 69 3.92 -3.76 12.25
CA PRO B 69 4.11 -5.14 11.97
C PRO B 69 3.47 -5.35 10.60
N ILE B 70 3.85 -6.46 9.97
CA ILE B 70 3.38 -6.86 8.68
C ILE B 70 1.87 -6.70 8.64
N ALA B 71 1.26 -7.18 9.71
CA ALA B 71 -0.18 -7.21 9.93
C ALA B 71 -0.87 -5.93 10.29
N GLY B 72 -0.09 -4.93 10.69
CA GLY B 72 -0.66 -3.62 11.05
C GLY B 72 -0.63 -3.26 12.54
N LEU B 73 -1.39 -2.26 12.86
CA LEU B 73 -1.49 -1.78 14.20
C LEU B 73 -2.52 -2.50 15.03
N ALA B 74 -2.07 -3.42 15.85
CA ALA B 74 -2.88 -4.24 16.73
C ALA B 74 -4.14 -3.58 17.33
N ASP B 75 -4.11 -2.28 17.57
CA ASP B 75 -5.24 -1.57 18.14
C ASP B 75 -6.20 -1.17 17.03
N PHE B 76 -5.68 -1.05 15.87
CA PHE B 76 -6.55 -0.66 14.82
C PHE B 76 -7.33 -1.88 14.36
N THR B 77 -6.57 -2.90 14.18
CA THR B 77 -6.99 -4.18 13.74
C THR B 77 -8.07 -4.80 14.57
N ARG B 78 -7.84 -4.81 15.86
CA ARG B 78 -8.76 -5.37 16.77
C ARG B 78 -10.03 -4.56 16.79
N ALA B 79 -9.85 -3.30 16.78
CA ALA B 79 -11.00 -2.46 16.81
C ALA B 79 -11.78 -2.54 15.51
N SER B 80 -11.10 -2.96 14.44
CA SER B 80 -11.80 -3.04 13.20
C SER B 80 -12.73 -4.23 13.23
N ALA B 81 -12.21 -5.39 13.62
CA ALA B 81 -13.00 -6.62 13.73
C ALA B 81 -14.15 -6.34 14.65
N GLU B 82 -13.86 -5.61 15.67
CA GLU B 82 -14.93 -5.33 16.57
C GLU B 82 -16.02 -4.44 15.99
N LEU B 83 -15.67 -3.54 15.10
CA LEU B 83 -16.65 -2.65 14.52
C LEU B 83 -17.51 -3.38 13.54
N ALA B 84 -16.91 -4.34 12.92
CA ALA B 84 -17.62 -5.10 11.96
C ALA B 84 -18.48 -6.17 12.57
N LEU B 85 -17.91 -6.89 13.53
CA LEU B 85 -18.50 -8.04 14.19
C LEU B 85 -19.40 -7.79 15.34
N GLY B 86 -19.01 -6.79 16.17
CA GLY B 86 -19.74 -6.39 17.34
C GLY B 86 -19.11 -6.99 18.57
N GLU B 87 -19.27 -6.29 19.68
CA GLU B 87 -18.65 -6.77 20.88
C GLU B 87 -19.19 -8.05 21.50
N ASN B 88 -20.48 -8.24 21.43
CA ASN B 88 -21.08 -9.42 21.99
C ASN B 88 -20.95 -10.55 20.99
N SER B 89 -20.20 -10.38 19.89
CA SER B 89 -20.13 -11.48 18.93
C SER B 89 -19.41 -12.69 19.46
N GLU B 90 -19.84 -13.91 19.09
CA GLU B 90 -19.14 -15.12 19.57
C GLU B 90 -17.78 -15.20 18.92
N ALA B 91 -17.86 -14.92 17.61
CA ALA B 91 -16.80 -14.86 16.60
C ALA B 91 -15.58 -14.23 17.15
N PHE B 92 -15.88 -13.00 17.52
CA PHE B 92 -14.98 -12.09 18.11
C PHE B 92 -14.60 -12.52 19.51
N LYS B 93 -15.57 -12.79 20.35
CA LYS B 93 -15.26 -13.20 21.70
C LYS B 93 -14.31 -14.37 21.76
N SER B 94 -14.55 -15.37 20.94
CA SER B 94 -13.66 -16.51 20.94
C SER B 94 -12.46 -16.26 20.10
N GLY B 95 -12.35 -15.06 19.55
CA GLY B 95 -11.20 -14.74 18.66
C GLY B 95 -10.94 -15.80 17.60
N ARG B 96 -11.97 -16.30 16.94
CA ARG B 96 -11.79 -17.29 15.88
C ARG B 96 -11.66 -16.53 14.56
N TYR B 97 -11.17 -15.30 14.66
CA TYR B 97 -10.96 -14.50 13.52
C TYR B 97 -9.52 -13.98 13.33
N VAL B 98 -9.26 -13.52 12.13
CA VAL B 98 -8.03 -12.88 11.84
C VAL B 98 -8.24 -11.64 11.01
N THR B 99 -7.74 -10.51 11.56
CA THR B 99 -7.75 -9.16 10.98
C THR B 99 -6.35 -8.69 10.53
N VAL B 100 -6.24 -8.21 9.33
CA VAL B 100 -4.97 -7.80 8.85
C VAL B 100 -5.15 -6.41 8.32
N GLN B 101 -4.23 -5.51 8.69
CA GLN B 101 -4.39 -4.14 8.23
C GLN B 101 -4.22 -4.07 6.76
N GLY B 102 -4.81 -3.15 6.07
CA GLY B 102 -4.60 -3.23 4.60
C GLY B 102 -4.70 -1.88 3.89
N ILE B 103 -4.33 -1.79 2.65
CA ILE B 103 -4.33 -0.50 2.06
C ILE B 103 -5.64 -0.02 1.65
N SER B 104 -6.46 0.20 2.65
CA SER B 104 -7.84 0.65 2.52
C SER B 104 -8.63 -0.53 2.00
N GLY B 105 -9.80 -0.22 1.49
CA GLY B 105 -10.62 -1.30 0.98
C GLY B 105 -9.95 -2.10 -0.11
N THR B 106 -9.45 -1.38 -1.14
CA THR B 106 -8.84 -2.03 -2.29
C THR B 106 -7.71 -2.90 -1.88
N GLY B 107 -6.82 -2.32 -1.11
CA GLY B 107 -5.69 -3.07 -0.64
C GLY B 107 -6.15 -4.32 0.07
N SER B 108 -7.32 -4.24 0.81
CA SER B 108 -7.85 -5.40 1.54
C SER B 108 -8.41 -6.46 0.61
N LEU B 109 -9.29 -6.01 -0.24
CA LEU B 109 -9.88 -6.83 -1.25
C LEU B 109 -8.79 -7.57 -2.03
N ARG B 110 -7.77 -6.85 -2.41
CA ARG B 110 -6.73 -7.51 -3.16
C ARG B 110 -6.08 -8.60 -2.38
N VAL B 111 -5.57 -8.22 -1.19
CA VAL B 111 -4.87 -9.16 -0.30
C VAL B 111 -5.72 -10.38 -0.13
N GLY B 112 -7.04 -10.12 0.02
CA GLY B 112 -8.03 -11.20 0.21
C GLY B 112 -8.07 -12.21 -0.96
N ALA B 113 -8.10 -11.64 -2.14
CA ALA B 113 -8.13 -12.42 -3.34
C ALA B 113 -6.85 -13.20 -3.46
N ASN B 114 -5.75 -12.48 -3.20
CA ASN B 114 -4.44 -13.11 -3.27
C ASN B 114 -4.49 -14.34 -2.34
N PHE B 115 -4.95 -14.10 -1.10
CA PHE B 115 -5.14 -15.17 -0.15
C PHE B 115 -5.98 -16.29 -0.80
N LEU B 116 -7.14 -15.89 -1.38
CA LEU B 116 -8.04 -16.79 -2.06
C LEU B 116 -7.36 -17.57 -3.14
N GLN B 117 -6.65 -16.90 -4.08
CA GLN B 117 -5.95 -17.68 -5.14
C GLN B 117 -4.95 -18.66 -4.54
N ARG B 118 -4.41 -18.33 -3.42
CA ARG B 118 -3.47 -19.27 -2.94
C ARG B 118 -4.19 -20.45 -2.39
N PHE B 119 -4.76 -20.17 -1.25
CA PHE B 119 -5.46 -21.14 -0.47
C PHE B 119 -6.84 -21.71 -0.77
N PHE B 120 -7.74 -20.96 -1.38
CA PHE B 120 -9.04 -21.46 -1.66
C PHE B 120 -9.04 -22.64 -2.66
N LYS B 121 -8.61 -23.83 -2.23
CA LYS B 121 -8.57 -24.99 -3.17
C LYS B 121 -9.78 -25.33 -4.03
N PHE B 122 -10.94 -25.12 -3.43
CA PHE B 122 -12.25 -25.44 -3.97
C PHE B 122 -12.77 -24.99 -5.31
N SER B 123 -12.44 -23.73 -5.67
CA SER B 123 -12.92 -23.13 -6.90
C SER B 123 -12.02 -21.94 -7.30
N ARG B 124 -12.23 -21.35 -8.49
CA ARG B 124 -11.47 -20.22 -8.92
C ARG B 124 -12.43 -19.24 -9.35
N ASP B 125 -13.67 -19.53 -9.09
CA ASP B 125 -14.63 -18.59 -9.57
C ASP B 125 -15.08 -17.66 -8.53
N VAL B 126 -15.38 -16.48 -8.92
CA VAL B 126 -15.90 -15.52 -7.96
C VAL B 126 -17.17 -14.96 -8.56
N TYR B 127 -18.28 -15.05 -7.83
CA TYR B 127 -19.48 -14.49 -8.42
C TYR B 127 -19.75 -13.10 -7.92
N LEU B 128 -20.05 -12.19 -8.85
CA LEU B 128 -20.36 -10.81 -8.51
C LEU B 128 -21.74 -10.36 -9.01
N PRO B 129 -22.43 -9.48 -8.26
CA PRO B 129 -23.72 -9.02 -8.71
C PRO B 129 -23.69 -8.35 -10.07
N LYS B 130 -24.88 -8.25 -10.69
CA LYS B 130 -25.04 -7.56 -11.95
C LYS B 130 -25.89 -6.37 -11.61
N PRO B 131 -25.26 -5.22 -11.48
CA PRO B 131 -23.85 -5.10 -11.71
C PRO B 131 -23.15 -4.93 -10.37
N SER B 132 -21.87 -4.62 -10.49
CA SER B 132 -21.06 -4.36 -9.34
C SER B 132 -20.03 -3.24 -9.55
N TRP B 133 -19.36 -2.80 -8.46
CA TRP B 133 -18.29 -1.76 -8.53
C TRP B 133 -17.31 -2.17 -9.65
N GLY B 134 -16.97 -1.23 -10.55
CA GLY B 134 -16.05 -1.52 -11.68
C GLY B 134 -14.80 -2.29 -11.28
N ASN B 135 -14.14 -1.71 -10.27
CA ASN B 135 -12.95 -2.29 -9.72
C ASN B 135 -12.97 -3.74 -9.26
N HIS B 136 -14.11 -4.29 -8.88
CA HIS B 136 -14.02 -5.66 -8.41
C HIS B 136 -13.59 -6.57 -9.47
N THR B 137 -13.83 -6.24 -10.73
CA THR B 137 -13.40 -7.20 -11.77
C THR B 137 -11.90 -7.45 -11.85
N PRO B 138 -11.16 -6.37 -12.09
CA PRO B 138 -9.71 -6.39 -12.19
C PRO B 138 -9.00 -6.96 -10.97
N ILE B 139 -9.43 -6.51 -9.83
CA ILE B 139 -8.88 -6.94 -8.59
C ILE B 139 -8.82 -8.45 -8.52
N PHE B 140 -9.96 -9.04 -8.85
CA PHE B 140 -10.09 -10.48 -8.83
C PHE B 140 -9.42 -11.14 -10.01
N ARG B 141 -9.48 -10.52 -11.17
CA ARG B 141 -8.87 -11.21 -12.29
C ARG B 141 -7.40 -11.17 -12.15
N ASP B 142 -6.93 -9.98 -11.87
CA ASP B 142 -5.49 -9.81 -11.71
C ASP B 142 -5.03 -10.76 -10.57
N ALA B 143 -5.88 -11.00 -9.60
CA ALA B 143 -5.43 -11.89 -8.58
C ALA B 143 -5.27 -13.30 -9.09
N GLY B 144 -5.77 -13.54 -10.30
CA GLY B 144 -5.71 -14.88 -10.88
C GLY B 144 -6.87 -15.81 -10.53
N LEU B 145 -8.06 -15.20 -10.47
CA LEU B 145 -9.34 -15.86 -10.20
C LEU B 145 -10.28 -15.53 -11.36
N GLN B 146 -11.27 -16.42 -11.58
CA GLN B 146 -12.25 -16.29 -12.65
C GLN B 146 -13.37 -15.48 -12.20
N LEU B 147 -14.06 -14.86 -13.13
CA LEU B 147 -15.18 -14.09 -12.66
C LEU B 147 -16.49 -14.60 -13.16
N GLN B 148 -17.55 -14.45 -12.39
CA GLN B 148 -18.82 -14.91 -12.89
C GLN B 148 -19.83 -13.89 -12.52
N ALA B 149 -21.12 -14.18 -12.71
CA ALA B 149 -22.07 -13.16 -12.27
C ALA B 149 -23.38 -13.69 -11.78
N TYR B 150 -24.05 -12.90 -10.92
CA TYR B 150 -25.35 -13.25 -10.42
C TYR B 150 -26.30 -12.04 -10.62
N ARG B 151 -27.61 -12.24 -10.90
CA ARG B 151 -28.49 -11.12 -11.17
C ARG B 151 -28.66 -10.34 -9.95
N TYR B 152 -28.89 -9.07 -10.15
CA TYR B 152 -29.04 -8.26 -8.99
C TYR B 152 -30.02 -7.15 -9.12
N TYR B 153 -29.91 -6.34 -10.20
CA TYR B 153 -30.77 -5.16 -10.42
C TYR B 153 -31.68 -5.18 -11.62
N ASP B 154 -32.76 -4.52 -11.42
CA ASP B 154 -33.74 -4.45 -12.43
C ASP B 154 -34.00 -3.03 -12.69
N PRO B 155 -33.34 -2.69 -13.75
CA PRO B 155 -33.33 -1.39 -14.33
C PRO B 155 -34.72 -1.02 -14.74
N LYS B 156 -35.51 -2.01 -15.09
CA LYS B 156 -36.86 -1.72 -15.48
C LYS B 156 -37.60 -1.11 -14.26
N THR B 157 -37.51 -1.85 -13.15
CA THR B 157 -38.10 -1.60 -11.84
C THR B 157 -37.30 -0.70 -10.91
N CYS B 158 -36.02 -0.54 -11.22
CA CYS B 158 -35.19 0.27 -10.37
C CYS B 158 -35.21 -0.33 -8.97
N SER B 159 -35.04 -1.65 -8.94
CA SER B 159 -35.00 -2.37 -7.72
C SER B 159 -34.32 -3.70 -7.81
N LEU B 160 -34.29 -4.36 -6.70
CA LEU B 160 -33.62 -5.62 -6.70
C LEU B 160 -34.41 -6.71 -7.44
N ASP B 161 -33.69 -7.52 -8.17
CA ASP B 161 -34.31 -8.61 -8.87
C ASP B 161 -34.06 -9.84 -8.04
N PHE B 162 -34.70 -9.88 -6.89
CA PHE B 162 -34.55 -11.03 -6.01
C PHE B 162 -34.91 -12.38 -6.58
N THR B 163 -35.91 -12.45 -7.47
CA THR B 163 -36.28 -13.75 -8.02
C THR B 163 -35.07 -14.33 -8.74
N GLY B 164 -34.51 -13.43 -9.59
CA GLY B 164 -33.35 -13.65 -10.43
C GLY B 164 -32.09 -13.98 -9.65
N ALA B 165 -31.84 -13.16 -8.63
CA ALA B 165 -30.71 -13.38 -7.79
C ALA B 165 -30.82 -14.76 -7.24
N MET B 166 -31.95 -15.03 -6.61
CA MET B 166 -32.20 -16.33 -6.07
C MET B 166 -31.97 -17.44 -7.08
N GLU B 167 -32.46 -17.31 -8.34
CA GLU B 167 -32.25 -18.36 -9.33
C GLU B 167 -30.80 -18.64 -9.44
N ASP B 168 -30.13 -17.58 -9.79
CA ASP B 168 -28.73 -17.63 -9.98
C ASP B 168 -27.97 -18.25 -8.89
N ILE B 169 -28.10 -17.61 -7.79
CA ILE B 169 -27.39 -18.07 -6.66
C ILE B 169 -27.63 -19.50 -6.34
N SER B 170 -28.88 -19.88 -6.42
CA SER B 170 -29.30 -21.23 -6.12
C SER B 170 -28.59 -22.29 -6.97
N LYS B 171 -28.19 -21.88 -8.19
CA LYS B 171 -27.47 -22.70 -9.19
C LYS B 171 -25.92 -22.58 -9.14
N ILE B 172 -25.38 -21.81 -8.16
CA ILE B 172 -23.95 -21.66 -8.08
C ILE B 172 -23.39 -22.88 -7.48
N PRO B 173 -22.42 -23.45 -8.14
CA PRO B 173 -21.81 -24.67 -7.68
C PRO B 173 -21.27 -24.60 -6.28
N GLU B 174 -21.44 -25.68 -5.58
CA GLU B 174 -21.00 -25.80 -4.22
C GLU B 174 -19.53 -25.37 -4.03
N LYS B 175 -19.30 -24.69 -2.92
CA LYS B 175 -18.00 -24.21 -2.53
C LYS B 175 -17.39 -23.26 -3.52
N SER B 176 -18.15 -22.29 -4.03
CA SER B 176 -17.69 -21.28 -4.99
C SER B 176 -17.62 -19.98 -4.23
N ILE B 177 -17.00 -18.94 -4.81
CA ILE B 177 -16.96 -17.71 -4.06
C ILE B 177 -18.03 -16.71 -4.46
N ILE B 178 -18.69 -16.12 -3.48
CA ILE B 178 -19.70 -15.21 -3.88
C ILE B 178 -19.55 -13.90 -3.18
N LEU B 179 -19.33 -12.87 -3.98
CA LEU B 179 -19.16 -11.54 -3.44
C LEU B 179 -20.50 -10.86 -3.10
N LEU B 180 -20.62 -10.39 -1.88
CA LEU B 180 -21.81 -9.74 -1.43
C LEU B 180 -21.52 -8.36 -0.84
N HIS B 181 -22.19 -7.26 -1.27
CA HIS B 181 -21.96 -5.89 -0.72
C HIS B 181 -22.69 -5.73 0.63
N ALA B 182 -21.97 -5.74 1.75
CA ALA B 182 -22.57 -5.68 3.07
C ALA B 182 -23.69 -4.72 3.27
N CYS B 183 -23.60 -3.57 2.57
CA CYS B 183 -24.62 -2.54 2.71
C CYS B 183 -24.33 -1.35 1.83
N ALA B 184 -25.40 -0.84 1.21
CA ALA B 184 -25.39 0.31 0.28
C ALA B 184 -24.59 -0.09 -0.92
N HIS B 185 -25.10 -1.08 -1.65
CA HIS B 185 -24.44 -1.60 -2.83
C HIS B 185 -24.03 -0.53 -3.81
N ASN B 186 -22.85 -0.67 -4.42
CA ASN B 186 -22.29 0.31 -5.38
C ASN B 186 -22.37 -0.45 -6.63
N PRO B 187 -23.02 0.05 -7.64
CA PRO B 187 -23.63 1.36 -7.80
C PRO B 187 -25.12 1.48 -7.73
N THR B 188 -25.77 0.46 -7.32
CA THR B 188 -27.17 0.51 -7.29
C THR B 188 -27.84 1.39 -6.25
N GLY B 189 -27.57 1.25 -4.97
CA GLY B 189 -28.27 2.13 -4.04
C GLY B 189 -29.49 1.42 -3.48
N VAL B 190 -29.43 0.09 -3.65
CA VAL B 190 -30.44 -0.87 -3.25
C VAL B 190 -29.77 -2.09 -2.64
N ASP B 191 -30.24 -2.49 -1.45
CA ASP B 191 -29.74 -3.63 -0.72
C ASP B 191 -30.86 -4.61 -0.42
N PRO B 192 -30.62 -5.89 -0.25
CA PRO B 192 -31.75 -6.73 0.10
C PRO B 192 -32.31 -6.33 1.48
N ARG B 193 -33.63 -6.62 1.69
CA ARG B 193 -34.36 -6.37 2.95
C ARG B 193 -34.03 -7.53 3.88
N GLN B 194 -33.94 -7.25 5.17
CA GLN B 194 -33.63 -8.15 6.27
C GLN B 194 -34.12 -9.58 6.05
N GLU B 195 -35.27 -9.64 5.42
CA GLU B 195 -35.98 -10.89 5.09
C GLU B 195 -35.34 -11.54 3.94
N GLN B 196 -35.00 -10.74 2.96
CA GLN B 196 -34.33 -11.32 1.82
C GLN B 196 -32.93 -11.83 2.19
N TRP B 197 -32.28 -11.11 3.11
CA TRP B 197 -30.95 -11.48 3.56
C TRP B 197 -31.02 -12.82 4.18
N LYS B 198 -31.94 -12.99 5.10
CA LYS B 198 -32.13 -14.24 5.79
C LYS B 198 -32.18 -15.36 4.80
N GLU B 199 -32.89 -15.14 3.67
CA GLU B 199 -33.04 -16.09 2.54
C GLU B 199 -31.71 -16.42 1.89
N LEU B 200 -30.97 -15.37 1.53
CA LEU B 200 -29.65 -15.57 0.93
C LEU B 200 -28.80 -16.40 1.86
N ALA B 201 -28.84 -16.06 3.11
CA ALA B 201 -28.04 -16.80 4.03
C ALA B 201 -28.38 -18.26 4.04
N SER B 202 -29.63 -18.52 3.66
CA SER B 202 -30.05 -19.90 3.66
C SER B 202 -29.37 -20.62 2.52
N VAL B 203 -29.55 -20.03 1.36
CA VAL B 203 -29.01 -20.61 0.16
C VAL B 203 -27.51 -20.75 0.19
N VAL B 204 -26.89 -19.67 0.55
CA VAL B 204 -25.47 -19.64 0.66
C VAL B 204 -25.04 -20.78 1.61
N LYS B 205 -25.60 -20.79 2.79
CA LYS B 205 -25.31 -21.83 3.79
C LYS B 205 -25.55 -23.26 3.24
N LYS B 206 -26.72 -23.47 2.59
CA LYS B 206 -27.15 -24.72 1.96
C LYS B 206 -26.20 -25.09 0.84
N ARG B 207 -26.06 -24.26 -0.20
CA ARG B 207 -25.10 -24.63 -1.23
C ARG B 207 -23.65 -24.59 -0.72
N ASN B 208 -23.37 -24.11 0.49
CA ASN B 208 -21.98 -24.12 0.98
C ASN B 208 -20.92 -23.38 0.09
N LEU B 209 -21.14 -22.10 -0.03
CA LEU B 209 -20.32 -21.23 -0.78
C LEU B 209 -19.45 -20.40 0.13
N LEU B 210 -18.62 -19.57 -0.51
CA LEU B 210 -17.76 -18.65 0.17
C LEU B 210 -18.31 -17.22 0.10
N ALA B 211 -18.50 -16.65 1.26
CA ALA B 211 -19.04 -15.35 1.25
C ALA B 211 -18.06 -14.33 1.60
N TYR B 212 -17.70 -13.58 0.55
CA TYR B 212 -16.76 -12.52 0.67
C TYR B 212 -17.51 -11.22 0.78
N PHE B 213 -17.36 -10.52 1.90
CA PHE B 213 -18.10 -9.26 2.04
C PHE B 213 -17.23 -8.04 1.80
N ASP B 214 -17.73 -7.11 1.05
CA ASP B 214 -17.01 -5.91 0.76
C ASP B 214 -17.80 -4.83 1.47
N MET B 215 -17.26 -4.22 2.53
CA MET B 215 -17.95 -3.23 3.31
C MET B 215 -17.22 -1.97 3.37
N ALA B 216 -17.48 -1.17 2.37
CA ALA B 216 -16.91 0.10 2.25
C ALA B 216 -17.80 1.18 2.79
N TYR B 217 -18.94 0.85 3.32
CA TYR B 217 -19.78 1.95 3.77
C TYR B 217 -20.55 1.80 5.04
N GLN B 218 -19.99 1.13 6.02
CA GLN B 218 -20.65 0.96 7.25
C GLN B 218 -21.03 2.31 7.78
N GLY B 219 -22.35 2.48 7.93
CA GLY B 219 -22.95 3.69 8.47
C GLY B 219 -23.45 4.59 7.42
N PHE B 220 -23.30 4.18 6.23
CA PHE B 220 -23.76 5.09 5.26
C PHE B 220 -25.04 4.64 4.62
N ALA B 221 -25.62 3.54 5.06
CA ALA B 221 -26.87 3.13 4.45
C ALA B 221 -27.99 3.66 5.31
N SER B 222 -27.82 3.37 6.55
CA SER B 222 -28.78 3.81 7.49
C SER B 222 -28.29 4.91 8.36
N GLY B 223 -27.01 5.20 8.37
CA GLY B 223 -26.50 6.24 9.25
C GLY B 223 -26.17 5.64 10.66
N ASP B 224 -26.43 4.32 10.81
CA ASP B 224 -26.20 3.53 12.00
C ASP B 224 -25.12 2.49 11.59
N ILE B 225 -24.09 2.30 12.41
CA ILE B 225 -23.08 1.35 12.00
C ILE B 225 -23.46 -0.02 12.35
N ASN B 226 -24.34 -0.11 13.32
CA ASN B 226 -24.82 -1.39 13.79
C ASN B 226 -25.70 -2.01 12.78
N ARG B 227 -26.78 -1.27 12.54
CA ARG B 227 -27.80 -1.59 11.59
C ARG B 227 -27.06 -1.99 10.34
N ASP B 228 -26.11 -1.19 10.01
CA ASP B 228 -25.34 -1.46 8.85
C ASP B 228 -24.61 -2.83 8.88
N ALA B 229 -24.17 -3.37 10.01
CA ALA B 229 -23.53 -4.68 9.92
C ALA B 229 -24.53 -5.78 10.19
N TRP B 230 -25.79 -5.53 9.95
CA TRP B 230 -26.72 -6.56 10.28
C TRP B 230 -26.57 -7.84 9.52
N ALA B 231 -26.55 -7.70 8.17
CA ALA B 231 -26.44 -8.86 7.33
C ALA B 231 -25.14 -9.62 7.46
N LEU B 232 -24.06 -8.87 7.59
CA LEU B 232 -22.79 -9.49 7.74
C LEU B 232 -22.84 -10.33 8.99
N ARG B 233 -23.43 -9.77 10.07
CA ARG B 233 -23.51 -10.51 11.35
C ARG B 233 -24.42 -11.74 11.41
N HIS B 234 -25.52 -11.61 10.74
CA HIS B 234 -26.47 -12.64 10.70
C HIS B 234 -25.82 -13.86 10.14
N PHE B 235 -25.23 -13.64 8.98
CA PHE B 235 -24.50 -14.71 8.29
C PHE B 235 -23.57 -15.43 9.27
N ILE B 236 -22.83 -14.64 10.01
CA ILE B 236 -21.90 -15.23 10.93
C ILE B 236 -22.61 -16.03 11.93
N GLU B 237 -23.59 -15.39 12.53
CA GLU B 237 -24.38 -16.08 13.51
C GLU B 237 -25.07 -17.35 12.90
N GLN B 238 -25.37 -17.37 11.59
CA GLN B 238 -26.00 -18.54 10.98
C GLN B 238 -25.02 -19.66 10.80
N GLY B 239 -23.78 -19.35 11.10
CA GLY B 239 -22.73 -20.34 11.04
C GLY B 239 -21.82 -20.22 9.85
N ILE B 240 -22.06 -19.22 9.04
CA ILE B 240 -21.23 -19.08 7.85
C ILE B 240 -19.96 -18.26 8.06
N ASP B 241 -18.82 -18.93 7.99
CA ASP B 241 -17.53 -18.31 8.13
C ASP B 241 -17.19 -17.46 6.88
N VAL B 242 -17.32 -16.14 7.02
CA VAL B 242 -17.07 -15.26 5.94
C VAL B 242 -15.74 -14.62 6.04
N VAL B 243 -15.40 -14.02 4.93
CA VAL B 243 -14.21 -13.27 4.81
C VAL B 243 -14.71 -11.90 4.49
N LEU B 244 -13.96 -10.91 4.87
CA LEU B 244 -14.46 -9.60 4.59
C LEU B 244 -13.41 -8.50 4.52
N SER B 245 -13.75 -7.49 3.76
CA SER B 245 -12.95 -6.33 3.57
C SER B 245 -13.70 -5.08 4.08
N GLN B 246 -12.98 -4.17 4.81
CA GLN B 246 -13.51 -2.91 5.42
C GLN B 246 -12.66 -1.68 5.03
N SER B 247 -13.27 -0.57 4.63
CA SER B 247 -12.59 0.64 4.27
C SER B 247 -13.08 1.79 5.12
N TYR B 248 -12.19 2.60 5.63
CA TYR B 248 -12.61 3.71 6.42
C TYR B 248 -12.44 4.93 5.60
N ALA B 249 -12.28 4.76 4.29
CA ALA B 249 -12.05 5.95 3.47
C ALA B 249 -13.19 6.88 3.47
N LYS B 250 -14.40 6.34 3.58
CA LYS B 250 -15.54 7.21 3.55
C LYS B 250 -16.20 7.45 4.89
N ASN B 251 -16.45 6.42 5.65
CA ASN B 251 -17.12 6.67 6.92
C ASN B 251 -16.30 7.50 7.86
N MET B 252 -14.99 7.49 7.70
CA MET B 252 -14.15 8.29 8.57
C MET B 252 -13.46 9.37 7.82
N GLY B 253 -13.82 9.51 6.53
CA GLY B 253 -13.24 10.49 5.66
C GLY B 253 -11.71 10.34 5.50
N LEU B 254 -11.12 9.14 5.64
CA LEU B 254 -9.65 8.99 5.50
C LEU B 254 -9.23 8.50 4.12
N TYR B 255 -9.89 9.02 3.07
CA TYR B 255 -9.69 8.68 1.68
C TYR B 255 -8.27 8.36 1.31
N GLY B 256 -7.48 9.44 1.38
CA GLY B 256 -6.04 9.51 1.03
C GLY B 256 -5.07 8.81 1.93
N GLU B 257 -5.45 8.65 3.19
CA GLU B 257 -4.62 8.05 4.19
C GLU B 257 -4.59 6.57 4.13
N ARG B 258 -5.50 5.98 3.42
CA ARG B 258 -5.58 4.52 3.28
C ARG B 258 -5.73 3.64 4.54
N ALA B 259 -6.85 3.71 5.21
CA ALA B 259 -6.99 2.83 6.35
C ALA B 259 -8.08 1.81 6.08
N GLY B 260 -7.68 0.53 6.14
CA GLY B 260 -8.58 -0.56 5.90
C GLY B 260 -8.11 -1.85 6.51
N ALA B 261 -8.87 -2.95 6.26
CA ALA B 261 -8.52 -4.21 6.81
C ALA B 261 -9.11 -5.39 6.07
N PHE B 262 -8.59 -6.60 6.36
CA PHE B 262 -9.09 -7.78 5.75
C PHE B 262 -9.32 -8.76 6.83
N THR B 263 -10.51 -9.36 6.88
CA THR B 263 -10.77 -10.29 7.93
C THR B 263 -11.16 -11.66 7.41
N VAL B 264 -10.75 -12.70 8.16
CA VAL B 264 -11.02 -14.13 7.93
C VAL B 264 -11.58 -14.75 9.28
N ILE B 265 -12.74 -15.41 9.15
CA ILE B 265 -13.47 -16.06 10.24
C ILE B 265 -13.08 -17.50 10.08
N CYS B 266 -12.47 -18.04 11.15
CA CYS B 266 -11.94 -19.40 11.26
C CYS B 266 -12.63 -20.20 12.31
N ARG B 267 -12.44 -21.47 12.23
CA ARG B 267 -13.11 -22.35 13.18
C ARG B 267 -12.74 -22.11 14.65
N ASP B 268 -11.45 -22.14 14.82
CA ASP B 268 -10.72 -22.04 16.04
C ASP B 268 -9.72 -20.88 16.00
N ALA B 269 -9.27 -20.45 17.16
CA ALA B 269 -8.25 -19.43 17.29
C ALA B 269 -6.95 -20.01 16.82
N GLU B 270 -6.83 -21.33 16.81
CA GLU B 270 -5.59 -21.89 16.37
C GLU B 270 -5.51 -21.63 14.91
N GLU B 271 -6.61 -22.06 14.25
CA GLU B 271 -6.79 -21.93 12.82
C GLU B 271 -6.39 -20.55 12.43
N ALA B 272 -6.89 -19.58 13.22
CA ALA B 272 -6.59 -18.17 13.01
C ALA B 272 -5.10 -17.84 13.00
N LYS B 273 -4.40 -18.28 14.03
CA LYS B 273 -2.97 -18.02 14.14
C LYS B 273 -2.27 -18.46 12.86
N ARG B 274 -2.74 -19.59 12.32
CA ARG B 274 -2.23 -20.23 11.13
C ARG B 274 -2.50 -19.44 9.83
N VAL B 275 -3.73 -19.03 9.72
CA VAL B 275 -4.16 -18.29 8.58
C VAL B 275 -3.42 -17.00 8.60
N GLU B 276 -3.14 -16.48 9.83
CA GLU B 276 -2.41 -15.23 9.96
C GLU B 276 -1.01 -15.26 9.43
N SER B 277 -0.26 -16.26 9.83
CA SER B 277 1.07 -16.42 9.38
C SER B 277 1.14 -16.43 7.86
N GLN B 278 0.13 -16.99 7.23
CA GLN B 278 0.15 -17.07 5.79
C GLN B 278 -0.06 -15.75 5.17
N LEU B 279 -0.92 -14.99 5.76
CA LEU B 279 -1.24 -13.70 5.24
C LEU B 279 -0.08 -12.74 5.46
N LYS B 280 0.76 -13.06 6.39
CA LYS B 280 1.83 -12.16 6.58
C LYS B 280 2.82 -12.52 5.45
N ILE B 281 3.04 -13.81 5.25
CA ILE B 281 3.94 -14.25 4.22
C ILE B 281 3.59 -13.67 2.84
N LEU B 282 2.31 -13.39 2.69
CA LEU B 282 1.73 -12.89 1.49
C LEU B 282 1.84 -11.37 1.25
N ILE B 283 1.76 -10.59 2.36
CA ILE B 283 1.86 -9.14 2.36
C ILE B 283 3.27 -8.58 2.21
N ARG B 284 4.14 -9.23 2.96
CA ARG B 284 5.54 -8.89 2.97
C ARG B 284 6.12 -8.71 1.54
N PRO B 285 5.92 -9.65 0.69
CA PRO B 285 6.47 -9.46 -0.59
C PRO B 285 5.59 -8.55 -1.43
N MET B 286 4.63 -7.85 -0.80
CA MET B 286 3.79 -6.98 -1.58
C MET B 286 4.07 -5.53 -1.25
N TYR B 287 4.34 -5.26 -0.01
CA TYR B 287 4.64 -3.91 0.36
C TYR B 287 5.26 -3.85 1.74
N SER B 288 5.74 -5.00 2.21
CA SER B 288 6.37 -5.08 3.50
C SER B 288 5.43 -4.88 4.70
N ASN B 289 4.92 -3.71 4.87
CA ASN B 289 4.08 -3.47 5.97
C ASN B 289 3.17 -2.26 5.67
N PRO B 290 2.10 -1.96 6.43
CA PRO B 290 1.24 -0.87 5.99
C PRO B 290 1.44 0.50 6.57
N PRO B 291 0.91 1.43 5.88
CA PRO B 291 0.91 2.83 6.22
C PRO B 291 0.36 3.05 7.63
N MET B 292 1.08 3.82 8.42
CA MET B 292 0.72 4.06 9.79
C MET B 292 -0.16 5.22 10.14
N ASN B 293 -0.19 6.27 9.34
CA ASN B 293 -1.01 7.41 9.73
C ASN B 293 -2.51 7.29 9.90
N GLY B 294 -3.16 6.53 9.03
CA GLY B 294 -4.61 6.43 9.12
C GLY B 294 -5.06 5.45 10.15
N ALA B 295 -4.25 4.41 10.29
CA ALA B 295 -4.52 3.41 11.26
C ALA B 295 -4.53 4.09 12.63
N ARG B 296 -3.48 4.91 12.89
CA ARG B 296 -3.39 5.60 14.16
C ARG B 296 -4.63 6.38 14.41
N ILE B 297 -5.00 7.17 13.48
CA ILE B 297 -6.20 7.97 13.63
C ILE B 297 -7.46 7.15 13.96
N ALA B 298 -7.75 6.17 13.12
CA ALA B 298 -8.91 5.31 13.31
C ALA B 298 -8.83 4.65 14.67
N SER B 299 -7.65 4.12 14.92
CA SER B 299 -7.38 3.41 16.15
C SER B 299 -7.75 4.27 17.30
N LEU B 300 -7.29 5.48 17.18
CA LEU B 300 -7.56 6.41 18.18
C LEU B 300 -9.05 6.62 18.31
N ILE B 301 -9.71 7.01 17.27
CA ILE B 301 -11.16 7.23 17.34
C ILE B 301 -12.04 6.03 17.81
N LEU B 302 -11.83 4.79 17.28
CA LEU B 302 -12.67 3.66 17.68
C LEU B 302 -12.51 3.30 19.12
N ASN B 303 -11.28 3.45 19.59
CA ASN B 303 -10.86 3.12 20.96
C ASN B 303 -10.94 4.22 22.03
N THR B 304 -11.52 5.35 21.72
CA THR B 304 -11.62 6.41 22.71
C THR B 304 -13.10 6.84 22.73
N PRO B 305 -13.70 6.37 23.76
CA PRO B 305 -15.05 6.55 24.14
C PRO B 305 -15.70 7.83 23.67
N GLU B 306 -14.93 8.96 23.77
CA GLU B 306 -15.36 10.34 23.36
C GLU B 306 -15.20 10.63 21.89
N LEU B 307 -14.27 9.94 21.23
CA LEU B 307 -14.14 10.22 19.83
C LEU B 307 -15.18 9.30 19.12
N ARG B 308 -15.25 8.03 19.54
CA ARG B 308 -16.21 7.12 18.97
C ARG B 308 -17.57 7.70 19.08
N LYS B 309 -17.85 8.38 20.21
CA LYS B 309 -19.14 9.03 20.36
C LYS B 309 -19.27 10.08 19.27
N GLU B 310 -18.29 10.99 19.25
CA GLU B 310 -18.32 12.07 18.27
C GLU B 310 -18.36 11.55 16.84
N TRP B 311 -17.68 10.44 16.64
CA TRP B 311 -17.65 9.92 15.32
C TRP B 311 -19.04 9.60 14.79
N LEU B 312 -19.75 8.71 15.51
CA LEU B 312 -21.12 8.34 15.10
C LEU B 312 -22.05 9.51 14.83
N VAL B 313 -22.02 10.51 15.70
CA VAL B 313 -22.85 11.65 15.47
C VAL B 313 -22.45 12.32 14.17
N GLU B 314 -21.18 12.26 13.79
CA GLU B 314 -20.78 12.90 12.55
C GLU B 314 -21.17 12.08 11.33
N VAL B 315 -21.12 10.72 11.47
CA VAL B 315 -21.48 9.85 10.38
C VAL B 315 -22.95 10.09 10.04
N LYS B 316 -23.83 10.04 11.08
CA LYS B 316 -25.23 10.29 10.90
C LYS B 316 -25.35 11.61 10.18
N GLY B 317 -24.55 12.59 10.55
CA GLY B 317 -24.64 13.87 9.88
C GLY B 317 -24.43 13.77 8.39
N MET B 318 -23.47 13.01 7.94
CA MET B 318 -23.32 13.00 6.51
C MET B 318 -24.41 12.29 5.70
N ALA B 319 -25.03 11.25 6.28
CA ALA B 319 -26.08 10.52 5.62
C ALA B 319 -27.34 11.38 5.51
N ASP B 320 -27.56 12.06 6.60
CA ASP B 320 -28.68 12.92 6.73
C ASP B 320 -28.64 13.92 5.62
N ARG B 321 -27.42 14.40 5.44
CA ARG B 321 -27.12 15.39 4.41
C ARG B 321 -27.32 14.82 3.02
N ILE B 322 -26.80 13.63 2.77
CA ILE B 322 -27.01 12.98 1.50
C ILE B 322 -28.53 12.86 1.32
N ILE B 323 -29.19 12.52 2.40
CA ILE B 323 -30.62 12.44 2.33
C ILE B 323 -31.26 13.72 1.92
N SER B 324 -30.93 14.79 2.62
CA SER B 324 -31.51 16.03 2.24
C SER B 324 -31.15 16.36 0.78
N MET B 325 -30.10 15.75 0.23
CA MET B 325 -29.78 16.05 -1.15
C MET B 325 -30.70 15.33 -2.16
N ARG B 326 -31.09 14.14 -1.84
CA ARG B 326 -31.93 13.39 -2.72
C ARG B 326 -33.28 14.01 -2.82
N THR B 327 -33.70 14.40 -1.67
CA THR B 327 -34.95 15.02 -1.53
C THR B 327 -34.98 16.22 -2.44
N GLN B 328 -34.32 17.27 -2.01
CA GLN B 328 -34.20 18.51 -2.72
C GLN B 328 -33.99 18.33 -4.23
N LEU B 329 -33.39 17.21 -4.56
CA LEU B 329 -33.13 17.00 -5.95
C LEU B 329 -34.38 16.70 -6.67
N VAL B 330 -35.06 15.70 -6.11
CA VAL B 330 -36.27 15.27 -6.66
C VAL B 330 -37.16 16.49 -6.81
N SER B 331 -37.20 17.34 -5.71
CA SER B 331 -38.02 18.55 -5.74
C SER B 331 -37.64 19.49 -6.84
N ASN B 332 -36.36 19.82 -6.92
CA ASN B 332 -36.01 20.73 -7.98
C ASN B 332 -36.30 20.14 -9.32
N LEU B 333 -36.50 18.82 -9.37
CA LEU B 333 -36.80 18.14 -10.62
C LEU B 333 -38.18 18.47 -11.14
N LYS B 334 -39.13 18.36 -10.24
CA LYS B 334 -40.53 18.67 -10.47
C LYS B 334 -40.71 20.16 -10.83
N LYS B 335 -40.07 21.07 -10.02
CA LYS B 335 -40.09 22.53 -10.19
C LYS B 335 -39.45 22.96 -11.54
N GLU B 336 -38.63 22.09 -12.12
CA GLU B 336 -38.02 22.39 -13.39
C GLU B 336 -39.05 21.90 -14.43
N GLY B 337 -39.92 21.09 -13.89
CA GLY B 337 -40.99 20.59 -14.70
C GLY B 337 -40.83 19.17 -15.17
N SER B 338 -39.83 18.46 -14.66
CA SER B 338 -39.62 17.08 -15.11
C SER B 338 -40.87 16.19 -15.12
N SER B 339 -41.21 15.71 -16.33
CA SER B 339 -42.36 14.84 -16.60
C SER B 339 -42.25 13.49 -15.89
N HIS B 340 -41.00 12.93 -15.97
CA HIS B 340 -40.51 11.64 -15.42
C HIS B 340 -40.65 11.49 -13.93
N ASN B 341 -40.55 10.22 -13.49
CA ASN B 341 -40.62 9.75 -12.08
C ASN B 341 -39.19 9.60 -11.52
N TRP B 342 -38.82 10.39 -10.55
CA TRP B 342 -37.48 10.28 -10.07
C TRP B 342 -37.43 9.77 -8.68
N GLN B 343 -38.32 8.83 -8.42
CA GLN B 343 -38.48 8.22 -7.10
C GLN B 343 -37.30 7.46 -6.60
N HIS B 344 -36.64 6.80 -7.53
CA HIS B 344 -35.46 6.01 -7.21
C HIS B 344 -34.38 6.91 -6.58
N ILE B 345 -34.42 8.22 -6.85
CA ILE B 345 -33.44 9.10 -6.27
C ILE B 345 -33.53 9.01 -4.73
N THR B 346 -34.66 9.37 -4.15
CA THR B 346 -34.87 9.28 -2.71
C THR B 346 -34.89 7.81 -2.15
N ASP B 347 -35.29 6.81 -2.95
CA ASP B 347 -35.35 5.41 -2.49
C ASP B 347 -34.02 4.66 -2.45
N GLN B 348 -33.02 5.17 -3.14
CA GLN B 348 -31.74 4.48 -3.16
C GLN B 348 -30.96 4.90 -1.97
N ILE B 349 -30.01 4.10 -1.53
CA ILE B 349 -29.28 4.52 -0.35
C ILE B 349 -27.79 4.66 -0.57
N GLY B 350 -27.08 5.33 0.31
CA GLY B 350 -25.65 5.46 0.06
C GLY B 350 -25.21 6.85 -0.39
N MET B 351 -24.23 6.87 -1.26
CA MET B 351 -23.65 8.10 -1.77
C MET B 351 -24.19 8.46 -3.09
N PHE B 352 -24.52 7.42 -3.78
CA PHE B 352 -25.04 7.57 -5.07
C PHE B 352 -26.51 7.36 -5.26
N CYS B 353 -26.71 7.54 -6.53
CA CYS B 353 -27.93 7.43 -7.19
C CYS B 353 -27.65 6.84 -8.54
N PHE B 354 -28.31 5.78 -8.84
CA PHE B 354 -28.16 5.21 -10.13
C PHE B 354 -29.41 5.64 -10.96
N THR B 355 -29.40 6.86 -11.50
CA THR B 355 -30.50 7.48 -12.28
C THR B 355 -31.00 6.89 -13.61
N GLY B 356 -30.35 5.90 -14.19
CA GLY B 356 -30.89 5.43 -15.46
C GLY B 356 -30.54 6.26 -16.72
N LEU B 357 -29.90 7.45 -16.56
CA LEU B 357 -29.54 8.29 -17.72
C LEU B 357 -28.74 7.48 -18.74
N LYS B 358 -28.84 7.81 -20.03
CA LYS B 358 -28.04 7.10 -21.03
C LYS B 358 -26.72 7.87 -21.26
N PRO B 359 -25.81 7.31 -22.09
CA PRO B 359 -24.53 7.92 -22.34
C PRO B 359 -24.50 9.32 -22.92
N GLU B 360 -25.25 9.57 -24.01
CA GLU B 360 -25.26 10.91 -24.59
C GLU B 360 -25.70 11.91 -23.53
N GLN B 361 -26.57 11.41 -22.67
CA GLN B 361 -27.06 12.24 -21.61
C GLN B 361 -25.87 12.59 -20.74
N VAL B 362 -25.10 11.57 -20.34
CA VAL B 362 -23.92 11.84 -19.47
C VAL B 362 -23.02 12.81 -20.20
N GLU B 363 -22.87 12.49 -21.48
CA GLU B 363 -22.07 13.28 -22.38
C GLU B 363 -22.50 14.71 -22.27
N ARG B 364 -23.79 14.88 -22.57
CA ARG B 364 -24.44 16.17 -22.53
C ARG B 364 -24.17 16.92 -21.24
N LEU B 365 -24.22 16.18 -20.12
CA LEU B 365 -24.00 16.80 -18.82
C LEU B 365 -22.65 17.47 -18.68
N THR B 366 -21.66 16.68 -19.05
CA THR B 366 -20.25 17.03 -19.06
C THR B 366 -20.01 18.25 -19.97
N LYS B 367 -20.20 18.01 -21.26
CA LYS B 367 -20.06 18.98 -22.33
C LYS B 367 -20.75 20.35 -22.11
N GLU B 368 -22.09 20.37 -21.86
CA GLU B 368 -22.88 21.61 -21.64
C GLU B 368 -22.90 22.15 -20.23
N PHE B 369 -22.93 21.20 -19.29
CA PHE B 369 -22.98 21.58 -17.90
C PHE B 369 -21.80 21.34 -17.08
N SER B 370 -20.77 20.75 -17.69
CA SER B 370 -19.54 20.47 -16.98
C SER B 370 -19.88 19.79 -15.65
N ILE B 371 -20.69 18.74 -15.83
CA ILE B 371 -21.18 17.88 -14.77
C ILE B 371 -20.57 16.54 -15.01
N TYR B 372 -19.75 16.17 -14.04
CA TYR B 372 -19.06 14.93 -14.12
C TYR B 372 -19.73 13.75 -13.38
N MET B 373 -19.88 12.65 -14.13
CA MET B 373 -20.46 11.38 -13.67
C MET B 373 -19.92 10.15 -14.43
N THR B 374 -20.26 8.97 -13.99
CA THR B 374 -19.72 7.86 -14.69
C THR B 374 -20.60 7.55 -15.85
N LYS B 375 -20.06 6.88 -16.84
CA LYS B 375 -20.93 6.64 -17.97
C LYS B 375 -22.09 5.71 -17.69
N ASP B 376 -22.22 5.29 -16.47
CA ASP B 376 -23.31 4.37 -16.22
C ASP B 376 -24.58 5.03 -15.70
N GLY B 377 -24.64 6.33 -15.68
CA GLY B 377 -25.86 6.89 -15.15
C GLY B 377 -25.76 7.15 -13.69
N ARG B 378 -24.63 6.77 -13.05
CA ARG B 378 -24.38 6.94 -11.59
C ARG B 378 -23.75 8.26 -11.11
N ILE B 379 -24.53 9.03 -10.33
CA ILE B 379 -23.99 10.24 -9.81
C ILE B 379 -23.62 10.07 -8.37
N SER B 380 -22.92 11.02 -7.88
CA SER B 380 -22.51 10.93 -6.53
C SER B 380 -23.28 11.96 -5.73
N VAL B 381 -24.44 11.57 -5.29
CA VAL B 381 -25.25 12.48 -4.56
C VAL B 381 -24.61 13.19 -3.37
N ALA B 382 -23.55 12.61 -2.79
CA ALA B 382 -22.85 13.19 -1.61
C ALA B 382 -22.00 14.44 -1.93
N GLY B 383 -21.67 14.58 -3.21
CA GLY B 383 -20.89 15.69 -3.68
C GLY B 383 -21.74 16.89 -4.06
N VAL B 384 -23.03 16.80 -3.76
CA VAL B 384 -23.91 17.92 -4.09
C VAL B 384 -24.08 18.86 -2.88
N ALA B 385 -24.18 20.16 -3.16
CA ALA B 385 -24.33 21.20 -2.13
C ALA B 385 -25.66 21.82 -2.28
N SER B 386 -26.14 22.45 -1.19
CA SER B 386 -27.41 23.15 -1.23
C SER B 386 -27.27 24.14 -2.42
N SER B 387 -26.05 24.72 -2.56
CA SER B 387 -25.66 25.69 -3.60
C SER B 387 -25.60 25.18 -5.03
N ASN B 388 -25.62 23.88 -5.25
CA ASN B 388 -25.53 23.49 -6.64
C ASN B 388 -26.63 22.57 -7.07
N VAL B 389 -27.43 22.05 -6.11
CA VAL B 389 -28.51 21.10 -6.43
C VAL B 389 -29.53 21.55 -7.46
N GLY B 390 -29.82 22.83 -7.49
CA GLY B 390 -30.79 23.35 -8.44
C GLY B 390 -30.29 23.31 -9.86
N TYR B 391 -29.00 23.55 -10.00
CA TYR B 391 -28.30 23.57 -11.26
C TYR B 391 -28.29 22.16 -11.89
N LEU B 392 -27.87 21.19 -11.10
CA LEU B 392 -27.83 19.80 -11.47
C LEU B 392 -29.21 19.33 -11.86
N ALA B 393 -30.18 19.67 -10.99
CA ALA B 393 -31.55 19.30 -11.27
C ALA B 393 -31.90 19.90 -12.64
N HIS B 394 -31.46 21.15 -12.87
CA HIS B 394 -31.69 21.87 -14.12
C HIS B 394 -31.15 21.11 -15.31
N ALA B 395 -29.85 20.85 -15.18
CA ALA B 395 -29.13 20.17 -16.18
C ALA B 395 -29.71 18.79 -16.40
N ILE B 396 -29.98 18.07 -15.33
CA ILE B 396 -30.52 16.73 -15.51
C ILE B 396 -31.83 16.83 -16.30
N HIS B 397 -32.63 17.84 -15.95
CA HIS B 397 -33.88 18.09 -16.56
C HIS B 397 -33.71 18.43 -18.04
N GLN B 398 -32.95 19.48 -18.37
CA GLN B 398 -32.74 19.85 -19.81
C GLN B 398 -32.34 18.64 -20.69
N VAL B 399 -31.14 18.07 -20.45
CA VAL B 399 -30.62 16.90 -21.19
C VAL B 399 -31.62 15.75 -21.23
N THR B 400 -32.69 15.89 -20.45
CA THR B 400 -33.73 14.87 -20.33
C THR B 400 -35.08 15.34 -20.76
N LYS B 401 -35.23 16.67 -20.82
CA LYS B 401 -36.47 17.34 -21.19
C LYS B 401 -37.07 16.69 -22.43
N1 PLA C . 15.45 -2.64 -0.59
C2 PLA C . 16.47 -2.98 0.25
C2A PLA C . 17.79 -3.38 -0.39
C3 PLA C . 16.17 -2.91 1.64
O3 PLA C . 17.20 -3.23 2.48
C4 PLA C . 14.93 -2.55 2.09
C4A PLA C . 14.66 -2.53 3.51
C5 PLA C . 13.94 -2.20 1.11
C6 PLA C . 14.23 -2.27 -0.23
C5A PLA C . 12.49 -1.85 1.51
O4P PLA C . 12.19 -0.99 2.55
P PLA C . 10.76 -0.30 2.48
O1P PLA C . 10.72 0.96 1.73
O2P PLA C . 10.29 0.08 3.81
O3P PLA C . 9.85 -1.36 1.77
N PLA C . 15.45 -3.24 4.25
CA PLA C . 15.28 -3.29 5.73
CB1 PLA C . 13.81 -3.57 6.04
CB2 PLA C . 15.56 -1.94 6.41
CG PLA C . 13.28 -4.86 5.46
OD1 PLA C . 13.82 -5.98 5.68
OD2 PLA C . 12.22 -4.81 4.81
C PLA C . 16.22 -4.34 6.35
O PLA C . 16.09 -4.63 7.54
OXT PLA C . 17.11 -4.94 5.70
N1 PLA D . -15.53 -1.31 -2.43
C2 PLA D . -16.53 -0.54 -2.89
C2A PLA D . -17.81 -1.28 -3.23
C3 PLA D . -16.24 0.83 -3.02
O3 PLA D . -17.24 1.61 -3.49
C4 PLA D . -15.05 1.36 -2.69
C4A PLA D . -14.85 2.81 -2.98
C5 PLA D . -14.02 0.39 -2.22
C6 PLA D . -14.32 -0.92 -2.10
C5A PLA D . -12.56 0.69 -1.81
O4P PLA D . -12.13 2.03 -1.76
P PLA D . -10.83 2.45 -0.98
O1P PLA D . -11.11 2.29 0.48
O2P PLA D . -10.49 3.85 -1.25
O3P PLA D . -9.64 1.58 -1.51
N PLA D . -15.48 3.30 -4.05
CA PLA D . -15.43 4.72 -4.59
CB1 PLA D . -13.96 5.13 -4.82
CB2 PLA D . -16.11 5.77 -3.66
CG PLA D . -13.22 4.17 -5.72
OD1 PLA D . -13.66 3.94 -6.88
OD2 PLA D . -12.10 3.64 -5.34
C PLA D . -16.19 4.89 -5.87
O PLA D . -16.11 5.96 -6.49
OXT PLA D . -16.95 4.00 -6.31
#